data_2C1P
#
_entry.id   2C1P
#
_cell.length_a   70.815
_cell.length_b   87.419
_cell.length_c   141.684
_cell.angle_alpha   90.00
_cell.angle_beta   90.00
_cell.angle_gamma   90.00
#
_symmetry.space_group_name_H-M   'P 21 21 21'
#
loop_
_entity.id
_entity.type
_entity.pdbx_description
1 polymer 'IGK-C PROTEIN'
2 polymer 'IGH-4 PROTEIN'
3 non-polymer 4-[(1S,2R)-3-(4-FLUOROPHENYL)-2-HYDROXY-1-(1H-1,2,4-TRIAZOL-1-YL)PROPYL]BENZONITRILE
4 water water
#
loop_
_entity_poly.entity_id
_entity_poly.type
_entity_poly.pdbx_seq_one_letter_code
_entity_poly.pdbx_strand_id
1 'polypeptide(L)'
;ELVMTQSPLTLSVTIGQPASISCKSSQSLLYSNGKTYLNWLLQRPGQSPKRLIYLVSKLDSGDPDRFTGSGSGTDFTLKI
SRVEAEDLGIYYCVQGSHFPPTFGAGTKLELKRADAAPTVSIFPPSSEQLTSGGASVVCFLNNFYPKDINVKWKIDGSER
QNGVLNSWTDQDSKDSTYSMSSTLTLTKDEYERHNSYTCEATHKTSTSPIVKSFNRNE
;
A,L
2 'polypeptide(L)'
;VQLQQSGAELVRPGTSVKLSCKASGYSFTNYWMNWLRQRPGQGLDWIGMIHPSDSETRLNQKFKDKATLTVDRSSSTAYI
QLSSPTSEDSAVYYCARDDYDGAFWGQGTLVTVSAAKTTPPSVYPLAPGSAAQTNSMVTLGCLVKGYFPAPVTVTWNSGS
LSSGVHTFPAVLQSDLYTLSSSVTVPSSTWPSETVTCNVAHPASSTKVDKKIVPRDC
;
B,H
#
loop_
_chem_comp.id
_chem_comp.type
_chem_comp.name
_chem_comp.formula
FNZ non-polymer 4-[(1S,2R)-3-(4-FLUOROPHENYL)-2-HYDROXY-1-(1H-1,2,4-TRIAZOL-1-YL)PROPYL]BENZONITRILE 'C18 H15 F N4 O'
#
# COMPACT_ATOMS: atom_id res chain seq x y z
N GLU A 1 -43.39 -19.37 -7.14
CA GLU A 1 -42.27 -19.78 -8.04
C GLU A 1 -42.02 -21.29 -7.89
N LEU A 2 -41.91 -21.97 -9.03
CA LEU A 2 -41.69 -23.42 -9.05
C LEU A 2 -40.28 -23.78 -8.59
N VAL A 3 -40.19 -24.60 -7.55
CA VAL A 3 -38.90 -25.02 -7.03
C VAL A 3 -38.43 -26.29 -7.75
N MET A 4 -37.29 -26.20 -8.42
CA MET A 4 -36.71 -27.32 -9.13
C MET A 4 -35.58 -27.85 -8.25
N THR A 5 -35.58 -29.15 -7.99
CA THR A 5 -34.57 -29.78 -7.15
C THR A 5 -33.76 -30.82 -7.89
N GLN A 6 -32.46 -30.59 -8.00
CA GLN A 6 -31.59 -31.55 -8.69
C GLN A 6 -30.79 -32.34 -7.68
N SER A 7 -30.40 -33.54 -8.07
CA SER A 7 -29.61 -34.41 -7.23
C SER A 7 -28.90 -35.46 -8.06
N PRO A 8 -27.61 -35.69 -7.79
CA PRO A 8 -26.88 -34.96 -6.74
C PRO A 8 -26.37 -33.64 -7.28
N LEU A 9 -25.95 -32.74 -6.40
CA LEU A 9 -25.40 -31.46 -6.81
C LEU A 9 -24.04 -31.72 -7.46
N THR A 10 -23.39 -32.80 -7.03
CA THR A 10 -22.11 -33.22 -7.58
C THR A 10 -22.22 -34.71 -7.91
N LEU A 11 -22.00 -35.06 -9.17
CA LEU A 11 -22.09 -36.44 -9.60
C LEU A 11 -20.72 -36.99 -9.98
N SER A 12 -20.23 -37.94 -9.18
CA SER A 12 -18.93 -38.54 -9.44
C SER A 12 -19.11 -39.61 -10.52
N VAL A 13 -18.30 -39.53 -11.56
CA VAL A 13 -18.42 -40.48 -12.64
C VAL A 13 -17.08 -41.09 -13.09
N THR A 14 -17.18 -42.11 -13.92
CA THR A 14 -16.00 -42.77 -14.46
C THR A 14 -16.15 -42.75 -15.97
N ILE A 15 -15.13 -42.28 -16.67
CA ILE A 15 -15.19 -42.24 -18.12
C ILE A 15 -15.40 -43.66 -18.63
N GLY A 16 -16.49 -43.88 -19.36
CA GLY A 16 -16.80 -45.19 -19.90
C GLY A 16 -17.99 -45.82 -19.19
N GLN A 17 -18.38 -45.24 -18.06
CA GLN A 17 -19.50 -45.75 -17.28
C GLN A 17 -20.71 -44.84 -17.46
N PRO A 18 -21.90 -45.35 -17.15
CA PRO A 18 -23.14 -44.57 -17.27
C PRO A 18 -23.30 -43.57 -16.13
N ALA A 19 -24.16 -42.58 -16.36
CA ALA A 19 -24.44 -41.55 -15.37
C ALA A 19 -25.93 -41.25 -15.35
N SER A 20 -26.41 -40.86 -14.18
CA SER A 20 -27.84 -40.54 -14.02
C SER A 20 -28.02 -39.35 -13.11
N ILE A 21 -28.80 -38.37 -13.56
CA ILE A 21 -29.07 -37.15 -12.78
C ILE A 21 -30.56 -37.00 -12.57
N SER A 22 -30.95 -36.57 -11.37
CA SER A 22 -32.36 -36.39 -11.06
C SER A 22 -32.77 -34.93 -10.91
N CYS A 23 -34.01 -34.65 -11.31
CA CYS A 23 -34.58 -33.31 -11.24
C CYS A 23 -36.05 -33.46 -10.88
N LYS A 24 -36.43 -32.95 -9.71
CA LYS A 24 -37.80 -33.02 -9.22
C LYS A 24 -38.36 -31.61 -9.11
N SER A 25 -39.61 -31.42 -9.54
CA SER A 25 -40.24 -30.12 -9.48
C SER A 25 -41.23 -30.07 -8.32
N SER A 26 -41.40 -28.89 -7.72
CA SER A 26 -42.31 -28.71 -6.60
C SER A 26 -43.77 -28.92 -6.97
N GLN A 27 -44.07 -28.73 -8.24
CA GLN A 27 -45.42 -28.92 -8.74
C GLN A 27 -45.35 -29.60 -10.11
N SER A 28 -46.43 -30.27 -10.50
CA SER A 28 -46.45 -30.97 -11.77
C SER A 28 -46.16 -30.05 -12.95
N LEU A 29 -45.37 -30.55 -13.90
CA LEU A 29 -45.01 -29.76 -15.08
C LEU A 29 -45.90 -30.03 -16.29
N LEU A 30 -46.85 -30.94 -16.15
CA LEU A 30 -47.77 -31.24 -17.24
C LEU A 30 -48.67 -30.02 -17.46
N TYR A 31 -48.52 -29.37 -18.60
CA TYR A 31 -49.32 -28.20 -18.91
C TYR A 31 -50.64 -28.59 -19.57
N SER A 32 -51.57 -27.65 -19.61
CA SER A 32 -52.89 -27.87 -20.18
C SER A 32 -52.99 -28.40 -21.63
N ASN A 33 -51.88 -28.40 -22.37
CA ASN A 33 -51.93 -28.88 -23.75
C ASN A 33 -51.36 -30.29 -23.96
N GLY A 34 -51.13 -31.01 -22.86
CA GLY A 34 -50.60 -32.36 -22.97
C GLY A 34 -49.09 -32.41 -23.00
N LYS A 35 -48.46 -31.24 -23.00
CA LYS A 35 -47.01 -31.16 -23.03
C LYS A 35 -46.41 -30.81 -21.68
N THR A 36 -45.23 -31.36 -21.42
CA THR A 36 -44.51 -31.12 -20.17
C THR A 36 -43.23 -30.34 -20.49
N TYR A 37 -43.22 -29.07 -20.09
CA TYR A 37 -42.09 -28.20 -20.36
C TYR A 37 -40.88 -28.36 -19.42
N LEU A 38 -39.97 -29.24 -19.82
CA LEU A 38 -38.75 -29.49 -19.06
C LEU A 38 -37.58 -29.77 -20.01
N ASN A 39 -36.52 -28.98 -19.86
CA ASN A 39 -35.34 -29.12 -20.70
C ASN A 39 -34.10 -29.36 -19.86
N TRP A 40 -33.03 -29.82 -20.51
CA TRP A 40 -31.76 -30.08 -19.86
C TRP A 40 -30.67 -29.37 -20.63
N LEU A 41 -29.81 -28.66 -19.91
CA LEU A 41 -28.70 -27.95 -20.53
C LEU A 41 -27.39 -28.42 -19.93
N LEU A 42 -26.33 -28.31 -20.72
CA LEU A 42 -25.01 -28.69 -20.25
C LEU A 42 -24.14 -27.47 -20.40
N GLN A 43 -23.46 -27.08 -19.32
CA GLN A 43 -22.56 -25.94 -19.37
C GLN A 43 -21.14 -26.46 -19.16
N ARG A 44 -20.35 -26.47 -20.24
CA ARG A 44 -18.96 -26.92 -20.16
C ARG A 44 -18.17 -25.75 -19.59
N PRO A 45 -17.07 -26.02 -18.89
CA PRO A 45 -16.27 -24.94 -18.32
C PRO A 45 -15.94 -23.83 -19.32
N GLY A 46 -16.09 -22.58 -18.88
CA GLY A 46 -15.80 -21.44 -19.73
C GLY A 46 -16.82 -21.24 -20.83
N GLN A 47 -17.78 -22.17 -20.95
CA GLN A 47 -18.79 -22.10 -22.00
C GLN A 47 -20.13 -21.55 -21.51
N SER A 48 -21.02 -21.28 -22.45
CA SER A 48 -22.35 -20.80 -22.13
C SER A 48 -23.23 -22.05 -22.04
N PRO A 49 -24.34 -21.98 -21.31
CA PRO A 49 -25.21 -23.15 -21.21
C PRO A 49 -25.70 -23.55 -22.60
N LYS A 50 -25.91 -24.85 -22.80
CA LYS A 50 -26.40 -25.34 -24.08
C LYS A 50 -27.43 -26.43 -23.88
N ARG A 51 -28.64 -26.21 -24.39
CA ARG A 51 -29.71 -27.19 -24.27
C ARG A 51 -29.34 -28.48 -25.01
N LEU A 52 -29.63 -29.62 -24.38
CA LEU A 52 -29.35 -30.93 -24.95
C LEU A 52 -30.65 -31.69 -25.18
N ILE A 53 -31.61 -31.48 -24.29
CA ILE A 53 -32.89 -32.14 -24.37
C ILE A 53 -34.03 -31.17 -24.10
N TYR A 54 -35.14 -31.32 -24.81
CA TYR A 54 -36.30 -30.46 -24.58
C TYR A 54 -37.55 -31.30 -24.55
N LEU A 55 -38.60 -30.74 -23.95
CA LEU A 55 -39.87 -31.43 -23.82
C LEU A 55 -39.60 -32.84 -23.30
N VAL A 56 -38.92 -32.91 -22.15
CA VAL A 56 -38.58 -34.15 -21.47
C VAL A 56 -37.64 -35.15 -22.15
N SER A 57 -37.88 -35.46 -23.41
CA SER A 57 -37.05 -36.48 -24.06
C SER A 57 -36.62 -36.26 -25.50
N LYS A 58 -36.91 -35.10 -26.07
CA LYS A 58 -36.48 -34.85 -27.44
C LYS A 58 -35.04 -34.37 -27.43
N LEU A 59 -34.19 -35.04 -28.20
CA LEU A 59 -32.78 -34.68 -28.29
C LEU A 59 -32.54 -33.57 -29.31
N ASP A 60 -31.76 -32.57 -28.91
CA ASP A 60 -31.43 -31.48 -29.81
C ASP A 60 -30.49 -32.00 -30.89
N SER A 61 -30.55 -31.37 -32.05
CA SER A 61 -29.71 -31.74 -33.17
C SER A 61 -28.25 -31.88 -32.75
N GLY A 62 -27.65 -33.01 -33.06
CA GLY A 62 -26.25 -33.22 -32.71
C GLY A 62 -26.01 -33.98 -31.42
N ASP A 63 -26.88 -33.82 -30.44
CA ASP A 63 -26.69 -34.51 -29.16
C ASP A 63 -26.56 -36.00 -29.36
N PRO A 64 -25.45 -36.57 -28.89
CA PRO A 64 -25.16 -38.01 -28.99
C PRO A 64 -26.30 -38.83 -28.42
N ASP A 65 -26.56 -39.99 -29.01
CA ASP A 65 -27.63 -40.86 -28.53
C ASP A 65 -27.29 -41.47 -27.19
N ARG A 66 -26.18 -41.01 -26.61
CA ARG A 66 -25.73 -41.47 -25.30
C ARG A 66 -26.63 -40.82 -24.26
N PHE A 67 -27.25 -39.71 -24.65
CA PHE A 67 -28.14 -38.97 -23.75
C PHE A 67 -29.61 -39.38 -23.88
N THR A 68 -30.26 -39.48 -22.74
CA THR A 68 -31.65 -39.87 -22.68
C THR A 68 -32.37 -39.14 -21.56
N GLY A 69 -33.42 -38.42 -21.91
CA GLY A 69 -34.18 -37.71 -20.91
C GLY A 69 -35.49 -38.43 -20.71
N SER A 70 -35.95 -38.52 -19.47
CA SER A 70 -37.19 -39.21 -19.19
C SER A 70 -37.94 -38.64 -17.99
N GLY A 71 -39.13 -39.20 -17.75
CA GLY A 71 -39.93 -38.77 -16.62
C GLY A 71 -41.29 -38.21 -16.98
N SER A 72 -41.95 -37.65 -15.97
CA SER A 72 -43.26 -37.06 -16.13
C SER A 72 -43.76 -36.51 -14.80
N GLY A 73 -44.69 -35.57 -14.87
CA GLY A 73 -45.21 -35.00 -13.64
C GLY A 73 -44.22 -34.09 -12.95
N THR A 74 -43.63 -34.58 -11.86
CA THR A 74 -42.69 -33.79 -11.09
C THR A 74 -41.34 -34.51 -10.99
N ASP A 75 -41.22 -35.64 -11.65
CA ASP A 75 -39.99 -36.43 -11.60
C ASP A 75 -39.39 -36.66 -12.97
N PHE A 76 -38.14 -36.24 -13.11
CA PHE A 76 -37.44 -36.37 -14.39
C PHE A 76 -36.01 -36.86 -14.23
N THR A 77 -35.49 -37.50 -15.27
CA THR A 77 -34.14 -38.03 -15.23
C THR A 77 -33.39 -37.79 -16.53
N LEU A 78 -32.07 -37.61 -16.38
CA LEU A 78 -31.18 -37.42 -17.51
C LEU A 78 -30.14 -38.52 -17.37
N LYS A 79 -30.04 -39.38 -18.38
CA LYS A 79 -29.08 -40.46 -18.32
C LYS A 79 -28.06 -40.41 -19.44
N ILE A 80 -26.83 -40.79 -19.11
CA ILE A 80 -25.74 -40.85 -20.07
C ILE A 80 -25.34 -42.33 -20.02
N SER A 81 -25.45 -43.02 -21.15
CA SER A 81 -25.12 -44.45 -21.19
C SER A 81 -23.65 -44.71 -20.88
N ARG A 82 -22.78 -43.85 -21.39
CA ARG A 82 -21.34 -43.98 -21.17
C ARG A 82 -20.67 -42.62 -21.22
N VAL A 83 -20.31 -42.10 -20.06
CA VAL A 83 -19.69 -40.78 -19.94
C VAL A 83 -18.36 -40.64 -20.70
N GLU A 84 -18.25 -39.54 -21.43
CA GLU A 84 -17.03 -39.24 -22.16
C GLU A 84 -16.53 -37.91 -21.61
N ALA A 85 -15.24 -37.62 -21.83
CA ALA A 85 -14.65 -36.39 -21.32
C ALA A 85 -15.41 -35.13 -21.75
N GLU A 86 -15.99 -35.17 -22.93
CA GLU A 86 -16.74 -34.03 -23.46
C GLU A 86 -18.02 -33.77 -22.68
N ASP A 87 -18.51 -34.79 -21.98
CA ASP A 87 -19.75 -34.64 -21.21
C ASP A 87 -19.53 -33.93 -19.88
N LEU A 88 -18.28 -33.75 -19.49
CA LEU A 88 -18.01 -33.10 -18.22
C LEU A 88 -18.42 -31.63 -18.19
N GLY A 89 -19.00 -31.22 -17.07
CA GLY A 89 -19.45 -29.86 -16.88
C GLY A 89 -20.56 -29.80 -15.85
N ILE A 90 -21.49 -28.89 -16.04
CA ILE A 90 -22.63 -28.73 -15.12
C ILE A 90 -23.92 -28.88 -15.91
N TYR A 91 -24.79 -29.77 -15.44
CA TYR A 91 -26.08 -30.01 -16.08
C TYR A 91 -27.22 -29.35 -15.32
N TYR A 92 -28.08 -28.64 -16.05
CA TYR A 92 -29.23 -27.98 -15.46
C TYR A 92 -30.53 -28.41 -16.08
N CYS A 93 -31.56 -28.52 -15.25
CA CYS A 93 -32.88 -28.84 -15.73
C CYS A 93 -33.62 -27.52 -15.54
N VAL A 94 -34.59 -27.26 -16.40
CA VAL A 94 -35.34 -26.02 -16.32
C VAL A 94 -36.78 -26.28 -16.73
N GLN A 95 -37.72 -25.71 -15.97
CA GLN A 95 -39.12 -25.90 -16.30
C GLN A 95 -39.70 -24.64 -16.91
N GLY A 96 -40.57 -24.83 -17.90
CA GLY A 96 -41.19 -23.69 -18.58
C GLY A 96 -42.70 -23.77 -18.60
N SER A 97 -43.27 -24.53 -17.67
CA SER A 97 -44.72 -24.70 -17.56
C SER A 97 -45.32 -23.65 -16.64
N HIS A 98 -44.55 -23.24 -15.63
CA HIS A 98 -44.99 -22.25 -14.66
C HIS A 98 -44.15 -20.99 -14.81
N PHE A 99 -44.82 -19.84 -14.81
CA PHE A 99 -44.13 -18.58 -14.92
C PHE A 99 -43.73 -18.16 -13.51
N PRO A 100 -42.48 -17.73 -13.31
CA PRO A 100 -41.45 -17.66 -14.36
C PRO A 100 -40.65 -18.96 -14.42
N PRO A 101 -40.04 -19.26 -15.57
CA PRO A 101 -39.26 -20.48 -15.66
C PRO A 101 -38.16 -20.46 -14.61
N THR A 102 -37.87 -21.61 -14.04
CA THR A 102 -36.87 -21.73 -13.00
C THR A 102 -35.95 -22.91 -13.31
N PHE A 103 -34.67 -22.78 -12.96
CA PHE A 103 -33.67 -23.82 -13.21
C PHE A 103 -33.35 -24.59 -11.94
N GLY A 104 -32.85 -25.81 -12.09
CA GLY A 104 -32.46 -26.59 -10.94
C GLY A 104 -31.15 -25.96 -10.50
N ALA A 105 -30.62 -26.36 -9.34
CA ALA A 105 -29.38 -25.78 -8.83
C ALA A 105 -28.17 -26.17 -9.68
N GLY A 106 -28.32 -27.24 -10.45
CA GLY A 106 -27.23 -27.69 -11.28
C GLY A 106 -26.51 -28.90 -10.72
N THR A 107 -26.07 -29.79 -11.60
CA THR A 107 -25.35 -30.98 -11.18
C THR A 107 -24.02 -31.02 -11.89
N LYS A 108 -22.92 -30.89 -11.13
CA LYS A 108 -21.61 -30.93 -11.74
C LYS A 108 -21.09 -32.37 -11.78
N LEU A 109 -20.53 -32.78 -12.92
CA LEU A 109 -19.96 -34.11 -13.04
C LEU A 109 -18.51 -34.01 -12.63
N GLU A 110 -18.07 -34.92 -11.78
CA GLU A 110 -16.67 -34.94 -11.34
C GLU A 110 -16.17 -36.37 -11.49
N LEU A 111 -14.86 -36.51 -11.67
CA LEU A 111 -14.26 -37.82 -11.83
C LEU A 111 -14.12 -38.52 -10.48
N LYS A 112 -14.34 -39.82 -10.47
CA LYS A 112 -14.23 -40.58 -9.23
C LYS A 112 -12.78 -40.99 -9.01
N ARG A 113 -12.41 -41.12 -7.74
CA ARG A 113 -11.07 -41.54 -7.36
C ARG A 113 -11.15 -42.04 -5.93
N ALA A 114 -10.05 -42.56 -5.40
CA ALA A 114 -10.05 -43.08 -4.03
C ALA A 114 -10.00 -41.96 -3.01
N ASP A 115 -10.48 -42.25 -1.80
CA ASP A 115 -10.48 -41.25 -0.74
C ASP A 115 -9.06 -40.76 -0.41
N ALA A 116 -8.94 -39.46 -0.17
CA ALA A 116 -7.65 -38.86 0.15
C ALA A 116 -7.80 -37.85 1.26
N ALA A 117 -7.04 -38.03 2.34
CA ALA A 117 -7.11 -37.12 3.48
C ALA A 117 -6.51 -35.78 3.09
N PRO A 118 -7.03 -34.69 3.66
CA PRO A 118 -6.42 -33.40 3.26
C PRO A 118 -5.15 -33.14 4.05
N THR A 119 -4.28 -32.33 3.47
CA THR A 119 -3.04 -31.92 4.12
C THR A 119 -3.38 -30.51 4.57
N VAL A 120 -3.45 -30.31 5.89
CA VAL A 120 -3.83 -29.03 6.43
C VAL A 120 -2.67 -28.20 6.98
N SER A 121 -2.67 -26.91 6.63
CA SER A 121 -1.61 -26.00 7.07
C SER A 121 -2.24 -24.69 7.54
N ILE A 122 -1.79 -24.15 8.67
CA ILE A 122 -2.35 -22.89 9.16
C ILE A 122 -1.25 -21.84 9.26
N PHE A 123 -1.60 -20.60 8.94
CA PHE A 123 -0.63 -19.51 8.96
C PHE A 123 -1.12 -18.24 9.68
N PRO A 124 -0.31 -17.72 10.60
CA PRO A 124 -0.66 -16.50 11.34
C PRO A 124 -0.53 -15.25 10.45
N PRO A 125 -1.13 -14.13 10.88
CA PRO A 125 -1.06 -12.88 10.10
C PRO A 125 0.40 -12.50 9.86
N SER A 126 0.67 -11.74 8.81
CA SER A 126 2.03 -11.30 8.54
C SER A 126 2.28 -9.98 9.26
N SER A 127 3.52 -9.73 9.65
CA SER A 127 3.82 -8.48 10.35
C SER A 127 3.51 -7.29 9.45
N GLU A 128 3.57 -7.51 8.14
CA GLU A 128 3.27 -6.45 7.18
C GLU A 128 1.80 -6.11 7.30
N GLN A 129 0.96 -7.13 7.35
CA GLN A 129 -0.48 -6.91 7.45
C GLN A 129 -0.86 -6.31 8.80
N LEU A 130 -0.16 -6.75 9.85
CA LEU A 130 -0.46 -6.24 11.18
C LEU A 130 -0.10 -4.76 11.27
N THR A 131 0.88 -4.33 10.48
CA THR A 131 1.27 -2.94 10.47
C THR A 131 0.14 -2.14 9.86
N SER A 132 -0.54 -2.73 8.89
CA SER A 132 -1.64 -2.06 8.23
C SER A 132 -2.93 -2.15 9.03
N GLY A 133 -2.84 -2.74 10.22
CA GLY A 133 -4.00 -2.84 11.09
C GLY A 133 -4.90 -4.06 10.97
N GLY A 134 -4.63 -4.94 10.01
CA GLY A 134 -5.47 -6.12 9.85
C GLY A 134 -4.80 -7.41 10.27
N ALA A 135 -5.57 -8.50 10.32
CA ALA A 135 -5.00 -9.78 10.72
C ALA A 135 -5.74 -10.92 10.05
N SER A 136 -5.16 -11.45 8.97
CA SER A 136 -5.79 -12.54 8.26
C SER A 136 -5.11 -13.87 8.60
N VAL A 137 -5.89 -14.84 9.07
CA VAL A 137 -5.32 -16.15 9.40
C VAL A 137 -5.74 -17.07 8.27
N VAL A 138 -4.76 -17.71 7.63
CA VAL A 138 -5.06 -18.56 6.50
C VAL A 138 -4.86 -20.03 6.78
N CYS A 139 -5.76 -20.84 6.21
CA CYS A 139 -5.70 -22.29 6.36
C CYS A 139 -5.86 -22.95 5.00
N PHE A 140 -4.95 -23.84 4.67
CA PHE A 140 -5.01 -24.56 3.42
C PHE A 140 -5.28 -26.02 3.73
N LEU A 141 -6.26 -26.59 3.05
CA LEU A 141 -6.58 -28.01 3.23
C LEU A 141 -6.43 -28.55 1.81
N ASN A 142 -5.30 -29.20 1.56
CA ASN A 142 -4.99 -29.68 0.22
C ASN A 142 -5.07 -31.14 -0.20
N ASN A 143 -5.40 -31.30 -1.48
CA ASN A 143 -5.52 -32.60 -2.15
C ASN A 143 -6.29 -33.68 -1.42
N PHE A 144 -7.55 -33.40 -1.18
CA PHE A 144 -8.41 -34.35 -0.51
C PHE A 144 -9.52 -34.82 -1.44
N TYR A 145 -10.20 -35.89 -1.04
CA TYR A 145 -11.29 -36.45 -1.81
C TYR A 145 -12.09 -37.36 -0.89
N PRO A 146 -13.43 -37.31 -0.97
CA PRO A 146 -14.25 -36.48 -1.85
C PRO A 146 -14.23 -34.98 -1.53
N LYS A 147 -14.97 -34.23 -2.32
CA LYS A 147 -15.08 -32.78 -2.21
C LYS A 147 -15.72 -32.30 -0.92
N ASP A 148 -16.60 -33.11 -0.35
CA ASP A 148 -17.31 -32.76 0.88
C ASP A 148 -16.38 -32.59 2.09
N ILE A 149 -16.26 -31.36 2.59
CA ILE A 149 -15.41 -31.11 3.76
C ILE A 149 -16.06 -30.02 4.62
N ASN A 150 -16.02 -30.23 5.93
CA ASN A 150 -16.60 -29.27 6.87
C ASN A 150 -15.45 -28.62 7.65
N VAL A 151 -15.21 -27.35 7.37
CA VAL A 151 -14.12 -26.63 8.02
C VAL A 151 -14.63 -25.60 8.99
N LYS A 152 -14.07 -25.60 10.19
CA LYS A 152 -14.44 -24.64 11.24
C LYS A 152 -13.21 -24.00 11.85
N TRP A 153 -13.33 -22.72 12.19
CA TRP A 153 -12.24 -21.99 12.83
C TRP A 153 -12.57 -21.99 14.32
N LYS A 154 -11.69 -22.56 15.13
CA LYS A 154 -11.90 -22.59 16.56
C LYS A 154 -10.84 -21.75 17.22
N ILE A 155 -11.28 -20.67 17.86
CA ILE A 155 -10.39 -19.74 18.55
C ILE A 155 -10.44 -20.02 20.04
N ASP A 156 -9.37 -20.58 20.57
CA ASP A 156 -9.30 -20.93 21.98
C ASP A 156 -10.46 -21.83 22.38
N GLY A 157 -10.86 -22.74 21.50
CA GLY A 157 -11.94 -23.66 21.82
C GLY A 157 -13.30 -23.42 21.20
N SER A 158 -13.67 -22.16 21.00
CA SER A 158 -14.98 -21.87 20.42
C SER A 158 -14.93 -21.49 18.94
N GLU A 159 -15.92 -21.95 18.20
CA GLU A 159 -16.00 -21.65 16.78
C GLU A 159 -16.39 -20.19 16.59
N ARG A 160 -15.62 -19.47 15.79
CA ARG A 160 -15.90 -18.08 15.49
C ARG A 160 -16.04 -18.00 13.99
N GLN A 161 -16.96 -17.16 13.53
CA GLN A 161 -17.19 -17.03 12.11
C GLN A 161 -17.51 -15.60 11.73
N ASN A 162 -16.62 -14.68 12.10
CA ASN A 162 -16.83 -13.27 11.77
C ASN A 162 -15.73 -12.81 10.84
N GLY A 163 -16.06 -12.70 9.55
CA GLY A 163 -15.08 -12.31 8.57
C GLY A 163 -14.42 -13.58 8.08
N VAL A 164 -15.01 -14.19 7.05
CA VAL A 164 -14.47 -15.44 6.50
C VAL A 164 -14.60 -15.47 4.98
N LEU A 165 -13.58 -15.98 4.32
CA LEU A 165 -13.58 -16.07 2.87
C LEU A 165 -13.03 -17.44 2.50
N ASN A 166 -13.86 -18.26 1.84
CA ASN A 166 -13.45 -19.58 1.41
C ASN A 166 -13.40 -19.67 -0.10
N SER A 167 -12.39 -20.37 -0.61
CA SER A 167 -12.24 -20.56 -2.05
C SER A 167 -11.84 -22.00 -2.30
N TRP A 168 -12.43 -22.59 -3.34
CA TRP A 168 -12.16 -23.98 -3.70
C TRP A 168 -11.60 -24.11 -5.12
N THR A 169 -10.61 -24.97 -5.30
CA THR A 169 -10.06 -25.17 -6.64
C THR A 169 -10.99 -26.11 -7.39
N ASP A 170 -10.82 -26.19 -8.70
CA ASP A 170 -11.62 -27.10 -9.50
C ASP A 170 -10.94 -28.44 -9.27
N GLN A 171 -11.65 -29.54 -9.49
CA GLN A 171 -11.05 -30.87 -9.30
C GLN A 171 -9.76 -30.87 -10.12
N ASP A 172 -8.66 -31.31 -9.50
CA ASP A 172 -7.37 -31.34 -10.16
C ASP A 172 -7.38 -32.19 -11.43
N SER A 173 -6.83 -31.64 -12.51
CA SER A 173 -6.81 -32.36 -13.79
C SER A 173 -5.92 -33.60 -13.77
N LYS A 174 -4.98 -33.67 -12.84
CA LYS A 174 -4.06 -34.80 -12.76
C LYS A 174 -4.36 -35.85 -11.70
N ASP A 175 -4.59 -35.46 -10.45
CA ASP A 175 -4.85 -36.43 -9.41
C ASP A 175 -6.31 -36.50 -8.96
N SER A 176 -7.16 -35.70 -9.59
CA SER A 176 -8.58 -35.65 -9.27
C SER A 176 -8.91 -35.32 -7.82
N THR A 177 -8.01 -34.63 -7.13
CA THR A 177 -8.27 -34.27 -5.74
C THR A 177 -8.81 -32.84 -5.69
N TYR A 178 -9.23 -32.40 -4.51
CA TYR A 178 -9.72 -31.04 -4.33
C TYR A 178 -8.88 -30.38 -3.26
N SER A 179 -8.77 -29.05 -3.33
CA SER A 179 -8.01 -28.28 -2.37
C SER A 179 -8.90 -27.12 -1.94
N MET A 180 -8.65 -26.59 -0.74
CA MET A 180 -9.47 -25.50 -0.24
C MET A 180 -8.68 -24.49 0.57
N SER A 181 -9.11 -23.24 0.48
CA SER A 181 -8.47 -22.15 1.20
C SER A 181 -9.53 -21.50 2.06
N SER A 182 -9.18 -21.20 3.31
CA SER A 182 -10.09 -20.56 4.22
C SER A 182 -9.34 -19.44 4.89
N THR A 183 -9.84 -18.21 4.77
CA THR A 183 -9.17 -17.09 5.39
C THR A 183 -10.06 -16.38 6.37
N LEU A 184 -9.60 -16.29 7.61
CA LEU A 184 -10.33 -15.64 8.69
C LEU A 184 -9.68 -14.28 8.96
N THR A 185 -10.34 -13.21 8.57
CA THR A 185 -9.77 -11.89 8.77
C THR A 185 -10.39 -11.11 9.91
N LEU A 186 -9.54 -10.70 10.85
CA LEU A 186 -9.98 -9.94 12.01
C LEU A 186 -9.20 -8.63 11.95
N THR A 187 -9.53 -7.69 12.83
CA THR A 187 -8.79 -6.45 12.90
C THR A 187 -7.59 -6.85 13.76
N LYS A 188 -6.57 -6.01 13.84
CA LYS A 188 -5.41 -6.37 14.65
C LYS A 188 -5.80 -6.50 16.13
N ASP A 189 -6.68 -5.64 16.60
CA ASP A 189 -7.09 -5.71 18.00
C ASP A 189 -7.81 -7.03 18.29
N GLU A 190 -8.82 -7.36 17.48
CA GLU A 190 -9.57 -8.60 17.68
C GLU A 190 -8.66 -9.82 17.73
N TYR A 191 -7.66 -9.82 16.85
CA TYR A 191 -6.68 -10.90 16.77
C TYR A 191 -5.88 -11.08 18.05
N GLU A 192 -5.39 -9.96 18.59
CA GLU A 192 -4.58 -9.97 19.81
C GLU A 192 -5.40 -10.25 21.07
N ARG A 193 -6.69 -10.48 20.90
CA ARG A 193 -7.54 -10.76 22.05
C ARG A 193 -7.62 -12.26 22.35
N HIS A 194 -7.15 -13.08 21.41
CA HIS A 194 -7.20 -14.53 21.58
C HIS A 194 -5.81 -15.14 21.49
N ASN A 195 -5.68 -16.42 21.85
CA ASN A 195 -4.37 -17.06 21.81
C ASN A 195 -4.25 -18.25 20.87
N SER A 196 -5.10 -19.25 21.04
CA SER A 196 -5.05 -20.43 20.18
C SER A 196 -5.92 -20.29 18.95
N TYR A 197 -5.31 -20.37 17.78
CA TYR A 197 -6.07 -20.29 16.55
C TYR A 197 -6.03 -21.66 15.91
N THR A 198 -7.20 -22.18 15.57
CA THR A 198 -7.27 -23.51 15.01
C THR A 198 -8.14 -23.66 13.78
N CYS A 199 -7.60 -24.39 12.81
CA CYS A 199 -8.29 -24.70 11.58
C CYS A 199 -8.68 -26.15 11.79
N GLU A 200 -9.99 -26.41 11.87
CA GLU A 200 -10.50 -27.76 12.11
C GLU A 200 -11.38 -28.27 10.99
N ALA A 201 -10.97 -29.37 10.36
CA ALA A 201 -11.75 -29.95 9.27
C ALA A 201 -12.36 -31.29 9.65
N THR A 202 -13.60 -31.51 9.20
CA THR A 202 -14.28 -32.77 9.43
C THR A 202 -14.33 -33.35 8.03
N HIS A 203 -13.76 -34.52 7.84
CA HIS A 203 -13.75 -35.13 6.52
C HIS A 203 -13.97 -36.63 6.68
N LYS A 204 -14.57 -37.27 5.67
CA LYS A 204 -14.85 -38.71 5.76
C LYS A 204 -13.61 -39.58 5.91
N THR A 205 -12.43 -39.03 5.69
CA THR A 205 -11.22 -39.82 5.83
C THR A 205 -10.79 -39.93 7.29
N SER A 206 -11.55 -39.35 8.20
CA SER A 206 -11.19 -39.41 9.62
C SER A 206 -12.41 -39.29 10.53
N THR A 207 -12.45 -40.10 11.58
CA THR A 207 -13.56 -40.05 12.51
C THR A 207 -13.23 -39.01 13.60
N SER A 208 -12.03 -38.44 13.48
CA SER A 208 -11.56 -37.43 14.42
C SER A 208 -11.32 -36.10 13.70
N PRO A 209 -11.43 -34.99 14.43
CA PRO A 209 -11.21 -33.70 13.77
C PRO A 209 -9.77 -33.53 13.32
N ILE A 210 -9.61 -33.11 12.07
CA ILE A 210 -8.29 -32.88 11.50
C ILE A 210 -7.95 -31.44 11.85
N VAL A 211 -6.98 -31.25 12.75
CA VAL A 211 -6.63 -29.90 13.17
C VAL A 211 -5.17 -29.50 13.01
N LYS A 212 -4.98 -28.20 12.91
CA LYS A 212 -3.66 -27.58 12.81
C LYS A 212 -3.88 -26.27 13.56
N SER A 213 -3.02 -25.98 14.53
CA SER A 213 -3.17 -24.77 15.31
C SER A 213 -1.84 -24.07 15.58
N PHE A 214 -1.93 -22.84 16.08
CA PHE A 214 -0.76 -22.06 16.46
C PHE A 214 -1.21 -21.13 17.57
N ASN A 215 -0.31 -20.87 18.54
CA ASN A 215 -0.64 -19.99 19.64
C ASN A 215 0.13 -18.69 19.45
N ARG A 216 -0.55 -17.55 19.65
CA ARG A 216 0.09 -16.26 19.48
C ARG A 216 1.30 -16.03 20.37
N ASN A 217 1.87 -17.09 20.92
CA ASN A 217 3.06 -16.97 21.77
C ASN A 217 4.23 -17.78 21.21
N GLU A 218 4.71 -17.44 20.11
N VAL B 1 -26.91 -19.15 -37.07
CA VAL B 1 -27.42 -18.29 -35.96
C VAL B 1 -26.30 -17.89 -35.02
N GLN B 2 -26.43 -16.71 -34.42
CA GLN B 2 -25.43 -16.21 -33.49
C GLN B 2 -25.90 -14.99 -32.71
N LEU B 3 -25.69 -15.01 -31.39
CA LEU B 3 -26.07 -13.89 -30.54
C LEU B 3 -24.75 -13.28 -30.05
N GLN B 4 -24.48 -12.07 -30.50
CA GLN B 4 -23.26 -11.33 -30.17
C GLN B 4 -23.48 -10.40 -28.98
N GLN B 5 -22.89 -10.72 -27.84
CA GLN B 5 -23.06 -9.87 -26.66
C GLN B 5 -21.91 -8.91 -26.44
N SER B 6 -22.23 -7.73 -25.90
CA SER B 6 -21.25 -6.68 -25.62
C SER B 6 -20.25 -7.06 -24.53
N GLY B 7 -19.14 -6.32 -24.50
CA GLY B 7 -18.06 -6.58 -23.55
C GLY B 7 -18.32 -6.37 -22.07
N ALA B 8 -17.38 -6.87 -21.25
CA ALA B 8 -17.45 -6.79 -19.81
C ALA B 8 -17.67 -5.38 -19.31
N GLU B 9 -18.39 -5.27 -18.20
CA GLU B 9 -18.71 -3.97 -17.66
C GLU B 9 -18.35 -3.82 -16.19
N LEU B 10 -17.79 -2.66 -15.86
CA LEU B 10 -17.44 -2.34 -14.49
C LEU B 10 -18.53 -1.32 -14.16
N VAL B 11 -19.35 -1.62 -13.15
CA VAL B 11 -20.43 -0.71 -12.80
C VAL B 11 -20.38 -0.25 -11.35
N ARG B 12 -20.51 1.06 -11.15
CA ARG B 12 -20.50 1.63 -9.80
C ARG B 12 -21.83 1.32 -9.16
N PRO B 13 -21.82 0.86 -7.90
CA PRO B 13 -23.10 0.54 -7.25
C PRO B 13 -24.04 1.74 -7.19
N GLY B 14 -25.33 1.47 -7.34
CA GLY B 14 -26.32 2.54 -7.29
C GLY B 14 -26.50 3.34 -8.56
N THR B 15 -25.70 3.08 -9.59
CA THR B 15 -25.84 3.83 -10.84
C THR B 15 -26.68 3.04 -11.83
N SER B 16 -26.13 2.75 -13.01
CA SER B 16 -26.85 1.97 -14.02
C SER B 16 -25.93 1.41 -15.08
N VAL B 17 -26.45 0.48 -15.88
CA VAL B 17 -25.66 -0.11 -16.96
C VAL B 17 -26.60 -0.73 -17.98
N LYS B 18 -26.19 -0.72 -19.24
CA LYS B 18 -27.00 -1.25 -20.32
C LYS B 18 -26.16 -2.14 -21.20
N LEU B 19 -26.60 -3.38 -21.37
CA LEU B 19 -25.87 -4.36 -22.18
C LEU B 19 -26.64 -4.62 -23.48
N SER B 20 -25.92 -5.07 -24.51
CA SER B 20 -26.57 -5.35 -25.78
C SER B 20 -26.34 -6.79 -26.19
N CYS B 21 -27.17 -7.25 -27.13
CA CYS B 21 -27.11 -8.60 -27.64
C CYS B 21 -27.56 -8.49 -29.10
N LYS B 22 -26.59 -8.54 -30.01
CA LYS B 22 -26.90 -8.43 -31.43
C LYS B 22 -27.12 -9.80 -32.06
N ALA B 23 -28.31 -10.01 -32.62
CA ALA B 23 -28.62 -11.29 -33.23
C ALA B 23 -28.37 -11.31 -34.75
N SER B 24 -28.14 -12.51 -35.27
CA SER B 24 -27.89 -12.69 -36.70
C SER B 24 -28.09 -14.14 -37.10
N GLY B 25 -28.53 -14.37 -38.34
CA GLY B 25 -28.73 -15.73 -38.80
C GLY B 25 -30.18 -16.17 -38.77
N TYR B 26 -31.05 -15.29 -38.27
CA TYR B 26 -32.47 -15.58 -38.20
C TYR B 26 -33.24 -14.27 -38.15
N SER B 27 -34.55 -14.36 -38.28
CA SER B 27 -35.39 -13.17 -38.23
C SER B 27 -35.52 -12.74 -36.77
N PHE B 28 -34.89 -11.61 -36.46
CA PHE B 28 -34.89 -11.07 -35.10
C PHE B 28 -36.30 -10.91 -34.51
N THR B 29 -37.20 -10.32 -35.29
CA THR B 29 -38.57 -10.08 -34.82
C THR B 29 -39.51 -11.28 -34.82
N ASN B 30 -38.99 -12.48 -35.08
CA ASN B 30 -39.84 -13.66 -35.11
C ASN B 30 -39.86 -14.50 -33.84
N TYR B 31 -38.99 -14.20 -32.88
CA TYR B 31 -38.98 -14.98 -31.65
C TYR B 31 -38.64 -14.13 -30.45
N TRP B 32 -39.11 -14.56 -29.29
CA TRP B 32 -38.84 -13.85 -28.05
C TRP B 32 -37.35 -13.95 -27.75
N MET B 33 -36.79 -12.88 -27.17
CA MET B 33 -35.39 -12.87 -26.78
C MET B 33 -35.38 -12.90 -25.26
N ASN B 34 -34.70 -13.89 -24.70
CA ASN B 34 -34.62 -14.05 -23.26
C ASN B 34 -33.34 -13.45 -22.69
N TRP B 35 -33.40 -13.12 -21.41
CA TRP B 35 -32.24 -12.62 -20.70
C TRP B 35 -32.14 -13.45 -19.42
N LEU B 36 -30.96 -14.02 -19.20
CA LEU B 36 -30.70 -14.86 -18.02
C LEU B 36 -29.52 -14.27 -17.24
N ARG B 37 -29.34 -14.77 -16.03
CA ARG B 37 -28.26 -14.31 -15.17
C ARG B 37 -27.61 -15.46 -14.43
N GLN B 38 -26.32 -15.34 -14.15
CA GLN B 38 -25.57 -16.34 -13.40
C GLN B 38 -24.55 -15.62 -12.52
N ARG B 39 -24.88 -15.46 -11.25
CA ARG B 39 -24.01 -14.82 -10.29
C ARG B 39 -22.87 -15.79 -9.99
N PRO B 40 -21.73 -15.27 -9.47
CA PRO B 40 -20.54 -16.05 -9.14
C PRO B 40 -20.77 -17.42 -8.51
N GLY B 41 -20.38 -18.46 -9.25
CA GLY B 41 -20.54 -19.83 -8.77
C GLY B 41 -21.94 -20.28 -8.44
N GLN B 42 -22.93 -19.48 -8.81
CA GLN B 42 -24.33 -19.79 -8.55
C GLN B 42 -25.02 -20.44 -9.75
N GLY B 43 -26.33 -20.60 -9.65
CA GLY B 43 -27.11 -21.20 -10.74
C GLY B 43 -27.60 -20.17 -11.74
N LEU B 44 -28.57 -20.56 -12.55
CA LEU B 44 -29.15 -19.69 -13.55
C LEU B 44 -30.47 -19.06 -13.13
N ASP B 45 -30.66 -17.81 -13.53
CA ASP B 45 -31.89 -17.07 -13.23
C ASP B 45 -32.47 -16.44 -14.48
N TRP B 46 -33.75 -16.67 -14.72
CA TRP B 46 -34.39 -16.09 -15.88
C TRP B 46 -34.89 -14.71 -15.46
N ILE B 47 -34.41 -13.68 -16.15
CA ILE B 47 -34.78 -12.30 -15.84
C ILE B 47 -36.10 -11.93 -16.54
N GLY B 48 -36.21 -12.26 -17.82
CA GLY B 48 -37.41 -11.95 -18.57
C GLY B 48 -37.18 -12.09 -20.06
N MET B 49 -38.17 -11.69 -20.87
CA MET B 49 -38.02 -11.79 -22.32
C MET B 49 -38.74 -10.66 -23.05
N ILE B 50 -38.29 -10.40 -24.27
CA ILE B 50 -38.89 -9.36 -25.08
C ILE B 50 -39.06 -9.86 -26.50
N HIS B 51 -40.15 -9.45 -27.13
CA HIS B 51 -40.42 -9.85 -28.51
C HIS B 51 -40.15 -8.60 -29.34
N PRO B 52 -39.06 -8.60 -30.13
CA PRO B 52 -38.69 -7.45 -30.96
C PRO B 52 -39.71 -6.95 -31.98
N SER B 53 -40.79 -7.70 -32.19
CA SER B 53 -41.81 -7.28 -33.14
C SER B 53 -42.58 -6.07 -32.62
N ASP B 54 -42.91 -6.09 -31.34
CA ASP B 54 -43.68 -5.02 -30.73
C ASP B 54 -43.11 -4.57 -29.39
N SER B 55 -41.93 -5.09 -29.04
CA SER B 55 -41.29 -4.75 -27.77
C SER B 55 -42.16 -5.11 -26.58
N GLU B 56 -42.92 -6.19 -26.73
CA GLU B 56 -43.78 -6.69 -25.67
C GLU B 56 -42.85 -7.36 -24.68
N THR B 57 -43.12 -7.25 -23.38
CA THR B 57 -42.25 -7.85 -22.39
C THR B 57 -42.94 -8.59 -21.25
N ARG B 58 -42.31 -9.69 -20.85
CA ARG B 58 -42.76 -10.54 -19.75
C ARG B 58 -41.55 -10.64 -18.82
N LEU B 59 -41.67 -10.07 -17.62
CA LEU B 59 -40.56 -10.06 -16.65
C LEU B 59 -40.78 -10.92 -15.43
N ASN B 60 -39.71 -11.56 -14.98
CA ASN B 60 -39.75 -12.35 -13.76
C ASN B 60 -39.96 -11.20 -12.76
N GLN B 61 -41.03 -11.24 -11.99
CA GLN B 61 -41.32 -10.18 -11.03
C GLN B 61 -40.15 -9.83 -10.12
N LYS B 62 -39.27 -10.80 -9.91
CA LYS B 62 -38.10 -10.62 -9.07
C LYS B 62 -37.14 -9.56 -9.62
N PHE B 63 -37.28 -9.23 -10.91
CA PHE B 63 -36.43 -8.24 -11.56
C PHE B 63 -37.19 -7.03 -12.08
N LYS B 64 -38.50 -6.98 -11.83
CA LYS B 64 -39.34 -5.89 -12.31
C LYS B 64 -38.78 -4.48 -12.11
N ASP B 65 -38.15 -4.24 -10.97
CA ASP B 65 -37.60 -2.91 -10.73
C ASP B 65 -36.10 -2.87 -10.99
N LYS B 66 -35.57 -3.99 -11.47
CA LYS B 66 -34.14 -4.12 -11.76
C LYS B 66 -33.80 -4.06 -13.25
N ALA B 67 -34.58 -4.75 -14.06
CA ALA B 67 -34.31 -4.82 -15.50
C ALA B 67 -35.35 -4.17 -16.40
N THR B 68 -34.86 -3.46 -17.42
CA THR B 68 -35.71 -2.81 -18.41
C THR B 68 -35.24 -3.40 -19.74
N LEU B 69 -36.15 -4.05 -20.45
CA LEU B 69 -35.77 -4.66 -21.73
C LEU B 69 -36.24 -3.82 -22.90
N THR B 70 -35.35 -3.59 -23.87
CA THR B 70 -35.71 -2.83 -25.06
C THR B 70 -35.09 -3.50 -26.27
N VAL B 71 -35.45 -3.00 -27.46
CA VAL B 71 -34.94 -3.55 -28.70
C VAL B 71 -34.75 -2.46 -29.76
N ASP B 72 -33.87 -2.74 -30.73
CA ASP B 72 -33.64 -1.84 -31.85
C ASP B 72 -33.71 -2.73 -33.08
N ARG B 73 -34.89 -2.80 -33.69
CA ARG B 73 -35.12 -3.64 -34.86
C ARG B 73 -34.20 -3.30 -36.04
N SER B 74 -33.74 -2.05 -36.09
CA SER B 74 -32.85 -1.59 -37.15
C SER B 74 -31.55 -2.38 -37.20
N SER B 75 -30.99 -2.66 -36.03
CA SER B 75 -29.75 -3.41 -35.96
C SER B 75 -29.95 -4.75 -35.27
N SER B 76 -31.22 -5.16 -35.20
CA SER B 76 -31.61 -6.43 -34.55
C SER B 76 -30.80 -6.67 -33.27
N THR B 77 -30.75 -5.64 -32.44
CA THR B 77 -30.02 -5.71 -31.17
C THR B 77 -30.99 -5.64 -29.98
N ALA B 78 -30.80 -6.52 -29.00
CA ALA B 78 -31.65 -6.50 -27.82
C ALA B 78 -30.87 -5.83 -26.70
N TYR B 79 -31.56 -5.09 -25.84
CA TYR B 79 -30.88 -4.42 -24.76
C TYR B 79 -31.50 -4.67 -23.39
N ILE B 80 -30.67 -4.69 -22.36
CA ILE B 80 -31.17 -4.86 -21.00
C ILE B 80 -30.45 -3.80 -20.18
N GLN B 81 -31.22 -2.96 -19.49
CA GLN B 81 -30.66 -1.91 -18.67
C GLN B 81 -30.90 -2.25 -17.22
N LEU B 82 -29.87 -2.13 -16.38
CA LEU B 82 -30.02 -2.43 -14.97
C LEU B 82 -30.02 -1.14 -14.16
N SER B 83 -31.03 -0.98 -13.31
CA SER B 83 -31.16 0.22 -12.48
C SER B 83 -30.67 -0.04 -11.06
N SER B 84 -29.99 0.95 -10.49
CA SER B 84 -29.48 0.83 -9.13
C SER B 84 -28.80 -0.51 -8.83
N PRO B 85 -27.92 -0.96 -9.72
CA PRO B 85 -27.25 -2.24 -9.48
C PRO B 85 -26.44 -2.26 -8.18
N THR B 86 -26.49 -3.39 -7.48
CA THR B 86 -25.74 -3.54 -6.24
C THR B 86 -24.73 -4.65 -6.47
N SER B 87 -23.96 -4.94 -5.42
CA SER B 87 -22.96 -5.99 -5.47
C SER B 87 -23.66 -7.32 -5.75
N GLU B 88 -24.92 -7.39 -5.38
CA GLU B 88 -25.68 -8.61 -5.58
C GLU B 88 -26.04 -8.80 -7.05
N ASP B 89 -25.83 -7.77 -7.85
CA ASP B 89 -26.14 -7.87 -9.27
C ASP B 89 -24.94 -8.26 -10.12
N SER B 90 -23.78 -8.38 -9.48
CA SER B 90 -22.58 -8.78 -10.20
C SER B 90 -22.87 -10.19 -10.71
N ALA B 91 -22.57 -10.43 -11.98
CA ALA B 91 -22.82 -11.73 -12.56
C ALA B 91 -22.61 -11.72 -14.07
N VAL B 92 -22.75 -12.89 -14.67
CA VAL B 92 -22.62 -13.02 -16.10
C VAL B 92 -24.04 -12.98 -16.65
N TYR B 93 -24.32 -12.01 -17.53
CA TYR B 93 -25.64 -11.86 -18.13
C TYR B 93 -25.70 -12.48 -19.52
N TYR B 94 -26.68 -13.34 -19.73
CA TYR B 94 -26.86 -14.05 -20.99
C TYR B 94 -28.18 -13.70 -21.68
N CYS B 95 -28.15 -13.57 -23.00
CA CYS B 95 -29.35 -13.35 -23.75
C CYS B 95 -29.45 -14.67 -24.46
N ALA B 96 -30.68 -15.15 -24.67
CA ALA B 96 -30.80 -16.43 -25.34
C ALA B 96 -32.16 -16.68 -25.96
N ARG B 97 -32.19 -17.69 -26.82
CA ARG B 97 -33.40 -18.11 -27.47
C ARG B 97 -33.59 -19.55 -27.05
N ASP B 98 -34.83 -19.91 -26.74
CA ASP B 98 -35.13 -21.26 -26.35
C ASP B 98 -36.57 -21.49 -26.75
N ASP B 99 -36.76 -21.86 -28.01
CA ASP B 99 -38.09 -22.08 -28.54
C ASP B 99 -38.11 -23.23 -29.54
N TYR B 100 -39.30 -23.51 -30.06
CA TYR B 100 -39.53 -24.57 -31.03
C TYR B 100 -38.58 -24.52 -32.22
N ASP B 101 -38.16 -23.33 -32.61
CA ASP B 101 -37.25 -23.19 -33.74
C ASP B 101 -35.79 -23.23 -33.36
N GLY B 102 -35.49 -23.07 -32.08
CA GLY B 102 -34.08 -23.12 -31.69
C GLY B 102 -33.73 -22.85 -30.23
N ALA B 103 -32.50 -23.18 -29.89
CA ALA B 103 -31.97 -23.00 -28.54
C ALA B 103 -30.55 -22.45 -28.70
N PHE B 104 -30.41 -21.13 -28.60
CA PHE B 104 -29.11 -20.47 -28.75
C PHE B 104 -28.84 -19.49 -27.63
N TRP B 105 -27.59 -19.44 -27.17
CA TRP B 105 -27.19 -18.54 -26.10
C TRP B 105 -26.03 -17.65 -26.56
N GLY B 106 -26.03 -16.39 -26.12
CA GLY B 106 -24.93 -15.52 -26.47
C GLY B 106 -23.74 -15.99 -25.64
N GLN B 107 -22.57 -15.41 -25.87
CA GLN B 107 -21.36 -15.79 -25.15
C GLN B 107 -21.37 -15.28 -23.70
N GLY B 108 -22.27 -14.34 -23.41
CA GLY B 108 -22.37 -13.80 -22.06
C GLY B 108 -21.60 -12.53 -21.79
N THR B 109 -22.15 -11.68 -20.92
CA THR B 109 -21.52 -10.42 -20.55
C THR B 109 -21.26 -10.38 -19.05
N LEU B 110 -20.02 -10.13 -18.68
CA LEU B 110 -19.64 -10.06 -17.28
C LEU B 110 -19.91 -8.66 -16.72
N VAL B 111 -20.63 -8.60 -15.62
CA VAL B 111 -20.90 -7.32 -14.98
C VAL B 111 -20.39 -7.38 -13.55
N THR B 112 -19.43 -6.52 -13.23
CA THR B 112 -18.89 -6.48 -11.89
C THR B 112 -19.33 -5.14 -11.28
N VAL B 113 -20.07 -5.23 -10.18
CA VAL B 113 -20.56 -4.02 -9.53
C VAL B 113 -19.66 -3.68 -8.33
N SER B 114 -18.89 -2.60 -8.46
CA SER B 114 -17.98 -2.16 -7.40
C SER B 114 -17.64 -0.68 -7.50
N ALA B 115 -17.42 -0.04 -6.35
CA ALA B 115 -17.08 1.38 -6.32
C ALA B 115 -15.57 1.54 -6.31
N ALA B 116 -14.87 0.42 -6.20
CA ALA B 116 -13.42 0.43 -6.16
C ALA B 116 -12.77 0.92 -7.44
N LYS B 117 -11.74 1.73 -7.28
CA LYS B 117 -10.96 2.22 -8.40
C LYS B 117 -9.88 1.16 -8.57
N THR B 118 -9.01 1.31 -9.56
CA THR B 118 -7.96 0.32 -9.75
C THR B 118 -7.12 0.28 -8.48
N THR B 119 -6.99 -0.90 -7.90
CA THR B 119 -6.27 -1.11 -6.65
C THR B 119 -5.30 -2.29 -6.71
N PRO B 120 -3.99 -2.04 -6.48
CA PRO B 120 -3.01 -3.13 -6.52
C PRO B 120 -3.21 -3.99 -5.26
N PRO B 121 -2.93 -5.29 -5.35
CA PRO B 121 -3.14 -6.10 -4.15
C PRO B 121 -2.09 -5.91 -3.07
N SER B 122 -2.47 -6.18 -1.84
CA SER B 122 -1.53 -6.14 -0.75
C SER B 122 -1.10 -7.61 -0.66
N VAL B 123 0.17 -7.87 -0.92
CA VAL B 123 0.69 -9.23 -0.89
C VAL B 123 1.33 -9.52 0.45
N TYR B 124 0.85 -10.57 1.13
CA TYR B 124 1.35 -10.93 2.45
C TYR B 124 1.92 -12.34 2.46
N PRO B 125 3.03 -12.54 3.19
CA PRO B 125 3.67 -13.85 3.29
C PRO B 125 2.95 -14.78 4.25
N LEU B 126 2.89 -16.05 3.88
CA LEU B 126 2.28 -17.07 4.72
C LEU B 126 3.40 -18.04 5.11
N ALA B 127 3.93 -17.84 6.31
CA ALA B 127 5.01 -18.66 6.84
C ALA B 127 4.50 -19.43 8.04
N PRO B 128 4.91 -20.70 8.17
CA PRO B 128 4.49 -21.56 9.29
C PRO B 128 4.70 -20.83 10.63
N GLY B 129 3.79 -21.04 11.57
CA GLY B 129 3.90 -20.37 12.86
C GLY B 129 4.78 -21.12 13.85
N SER B 130 6.03 -21.35 13.47
CA SER B 130 6.98 -22.05 14.33
C SER B 130 6.30 -23.18 15.11
N ALA B 131 5.39 -23.88 14.46
CA ALA B 131 4.66 -24.96 15.09
C ALA B 131 4.98 -26.33 14.48
N ALA B 132 5.95 -27.01 15.08
CA ALA B 132 6.38 -28.33 14.63
C ALA B 132 6.87 -28.35 13.18
N GLN B 133 7.66 -29.37 12.88
CA GLN B 133 8.22 -29.57 11.54
C GLN B 133 8.40 -31.07 11.31
N THR B 134 7.61 -31.85 12.04
CA THR B 134 7.65 -33.32 11.96
C THR B 134 7.26 -33.77 10.55
N ASN B 135 6.81 -32.81 9.74
CA ASN B 135 6.40 -33.08 8.37
C ASN B 135 7.63 -33.15 7.47
N SER B 136 7.59 -34.01 6.46
CA SER B 136 8.70 -34.13 5.53
C SER B 136 8.60 -32.95 4.56
N MET B 137 7.36 -32.50 4.33
CA MET B 137 7.10 -31.40 3.43
C MET B 137 6.73 -30.14 4.20
N VAL B 138 6.92 -29.00 3.57
CA VAL B 138 6.58 -27.71 4.20
C VAL B 138 5.69 -26.94 3.25
N THR B 139 4.54 -26.45 3.74
CA THR B 139 3.63 -25.68 2.90
C THR B 139 3.74 -24.20 3.26
N LEU B 140 3.96 -23.37 2.25
CA LEU B 140 4.07 -21.92 2.42
C LEU B 140 3.00 -21.32 1.53
N GLY B 141 2.89 -20.00 1.54
CA GLY B 141 1.90 -19.40 0.69
C GLY B 141 1.91 -17.89 0.70
N CYS B 142 1.06 -17.33 -0.16
CA CYS B 142 0.93 -15.88 -0.27
C CYS B 142 -0.55 -15.51 -0.32
N LEU B 143 -0.89 -14.51 0.47
CA LEU B 143 -2.24 -13.98 0.52
C LEU B 143 -2.20 -12.72 -0.34
N VAL B 144 -3.04 -12.71 -1.37
CA VAL B 144 -3.13 -11.58 -2.30
C VAL B 144 -4.47 -10.92 -1.99
N LYS B 145 -4.43 -9.93 -1.11
CA LYS B 145 -5.62 -9.27 -0.63
C LYS B 145 -5.96 -7.86 -1.11
N GLY B 146 -7.26 -7.67 -1.37
CA GLY B 146 -7.78 -6.38 -1.78
C GLY B 146 -7.31 -5.75 -3.08
N TYR B 147 -7.54 -6.42 -4.20
CA TYR B 147 -7.15 -5.87 -5.49
C TYR B 147 -8.39 -5.68 -6.36
N PHE B 148 -8.24 -4.87 -7.41
CA PHE B 148 -9.34 -4.62 -8.33
C PHE B 148 -8.77 -3.89 -9.53
N PRO B 149 -9.22 -4.27 -10.74
CA PRO B 149 -10.21 -5.33 -10.98
C PRO B 149 -9.44 -6.64 -11.05
N ALA B 150 -10.12 -7.72 -11.42
CA ALA B 150 -9.45 -9.00 -11.58
C ALA B 150 -8.82 -8.94 -12.97
N PRO B 151 -7.81 -9.78 -13.24
CA PRO B 151 -7.24 -10.77 -12.33
C PRO B 151 -5.81 -10.37 -12.03
N VAL B 152 -5.08 -11.31 -11.42
CA VAL B 152 -3.67 -11.13 -11.12
C VAL B 152 -3.07 -12.49 -11.47
N THR B 153 -1.76 -12.54 -11.66
CA THR B 153 -1.10 -13.79 -11.97
C THR B 153 -0.06 -14.01 -10.89
N VAL B 154 -0.03 -15.23 -10.35
CA VAL B 154 0.91 -15.59 -9.30
C VAL B 154 1.80 -16.73 -9.74
N THR B 155 3.10 -16.58 -9.52
CA THR B 155 4.05 -17.62 -9.86
C THR B 155 4.93 -17.75 -8.64
N TRP B 156 5.64 -18.87 -8.57
CA TRP B 156 6.55 -19.08 -7.45
C TRP B 156 7.94 -19.22 -8.03
N ASN B 157 8.86 -18.43 -7.48
CA ASN B 157 10.25 -18.39 -7.91
C ASN B 157 10.34 -18.23 -9.43
N SER B 158 9.50 -17.34 -9.95
CA SER B 158 9.44 -17.01 -11.37
C SER B 158 9.18 -18.24 -12.25
N GLY B 159 8.26 -19.09 -11.79
CA GLY B 159 7.92 -20.28 -12.56
C GLY B 159 8.80 -21.48 -12.28
N SER B 160 9.77 -21.35 -11.38
CA SER B 160 10.65 -22.48 -11.07
C SER B 160 9.90 -23.48 -10.19
N LEU B 161 8.96 -22.98 -9.40
CA LEU B 161 8.14 -23.83 -8.55
C LEU B 161 6.79 -23.89 -9.26
N SER B 162 6.52 -25.04 -9.90
CA SER B 162 5.29 -25.25 -10.66
C SER B 162 4.38 -26.27 -10.01
N SER B 163 4.91 -27.47 -9.81
CA SER B 163 4.13 -28.53 -9.18
C SER B 163 4.06 -28.24 -7.69
N GLY B 164 3.05 -28.78 -7.02
CA GLY B 164 2.90 -28.54 -5.60
C GLY B 164 2.30 -27.17 -5.36
N VAL B 165 1.76 -26.56 -6.40
CA VAL B 165 1.15 -25.23 -6.27
C VAL B 165 -0.37 -25.23 -6.44
N HIS B 166 -1.03 -24.47 -5.58
CA HIS B 166 -2.48 -24.31 -5.62
C HIS B 166 -2.78 -22.83 -5.49
N THR B 167 -3.20 -22.22 -6.58
CA THR B 167 -3.56 -20.81 -6.59
C THR B 167 -5.08 -20.82 -6.68
N PHE B 168 -5.70 -20.52 -5.55
CA PHE B 168 -7.14 -20.51 -5.43
C PHE B 168 -7.86 -19.43 -6.21
N PRO B 169 -9.06 -19.74 -6.71
CA PRO B 169 -9.85 -18.78 -7.48
C PRO B 169 -10.15 -17.57 -6.59
N ALA B 170 -10.19 -16.39 -7.18
CA ALA B 170 -10.47 -15.18 -6.44
C ALA B 170 -11.93 -15.08 -6.04
N VAL B 171 -12.17 -14.43 -4.92
CA VAL B 171 -13.52 -14.23 -4.45
C VAL B 171 -13.71 -12.72 -4.35
N LEU B 172 -14.81 -12.23 -4.91
CA LEU B 172 -15.12 -10.81 -4.88
C LEU B 172 -15.87 -10.57 -3.58
N GLN B 173 -15.25 -9.82 -2.68
CA GLN B 173 -15.85 -9.56 -1.39
C GLN B 173 -15.62 -8.12 -1.01
N SER B 174 -16.69 -7.42 -0.66
CA SER B 174 -16.63 -6.03 -0.26
C SER B 174 -15.93 -5.14 -1.29
N ASP B 175 -16.36 -5.26 -2.55
CA ASP B 175 -15.84 -4.47 -3.67
C ASP B 175 -14.44 -4.82 -4.17
N LEU B 176 -13.74 -5.69 -3.45
CA LEU B 176 -12.40 -6.08 -3.85
C LEU B 176 -12.22 -7.59 -3.96
N TYR B 177 -11.21 -7.99 -4.72
CA TYR B 177 -10.92 -9.39 -4.89
C TYR B 177 -9.81 -9.81 -3.94
N THR B 178 -9.85 -11.07 -3.51
CA THR B 178 -8.85 -11.62 -2.63
C THR B 178 -8.63 -13.04 -3.11
N LEU B 179 -7.36 -13.43 -3.15
CA LEU B 179 -6.98 -14.74 -3.60
C LEU B 179 -5.74 -15.17 -2.83
N SER B 180 -5.55 -16.47 -2.71
CA SER B 180 -4.39 -17.00 -2.00
C SER B 180 -3.75 -18.06 -2.89
N SER B 181 -2.55 -18.47 -2.52
CA SER B 181 -1.82 -19.45 -3.29
C SER B 181 -0.90 -20.20 -2.34
N SER B 182 -0.85 -21.52 -2.49
CA SER B 182 0.02 -22.31 -1.64
C SER B 182 1.07 -23.02 -2.47
N VAL B 183 2.18 -23.38 -1.83
CA VAL B 183 3.25 -24.12 -2.49
C VAL B 183 3.86 -25.03 -1.46
N THR B 184 4.19 -26.26 -1.85
CA THR B 184 4.76 -27.23 -0.94
C THR B 184 6.11 -27.69 -1.46
N VAL B 185 7.12 -27.64 -0.59
CA VAL B 185 8.46 -28.06 -0.95
C VAL B 185 9.03 -28.85 0.22
N PRO B 186 10.06 -29.67 -0.03
CA PRO B 186 10.63 -30.44 1.08
C PRO B 186 11.31 -29.57 2.12
N SER B 187 11.42 -30.10 3.33
CA SER B 187 12.05 -29.39 4.44
C SER B 187 13.51 -29.04 4.15
N SER B 188 14.15 -29.80 3.27
CA SER B 188 15.54 -29.56 2.93
C SER B 188 15.70 -28.44 1.91
N THR B 189 14.59 -27.98 1.35
CA THR B 189 14.64 -26.91 0.36
C THR B 189 14.38 -25.51 0.95
N TRP B 190 13.40 -25.42 1.85
CA TRP B 190 13.10 -24.15 2.50
C TRP B 190 13.29 -24.36 3.99
N PRO B 191 13.83 -23.36 4.69
CA PRO B 191 14.26 -22.05 4.22
C PRO B 191 15.69 -21.95 3.72
N SER B 192 16.39 -23.08 3.60
CA SER B 192 17.78 -23.03 3.14
C SER B 192 17.82 -22.40 1.76
N GLU B 193 16.76 -22.60 0.99
CA GLU B 193 16.65 -21.99 -0.33
C GLU B 193 15.46 -21.04 -0.29
N THR B 194 15.64 -19.87 -0.91
CA THR B 194 14.60 -18.84 -0.94
C THR B 194 13.35 -19.25 -1.71
N VAL B 195 12.20 -18.89 -1.15
CA VAL B 195 10.91 -19.16 -1.77
C VAL B 195 10.16 -17.84 -1.85
N THR B 196 9.87 -17.40 -3.06
CA THR B 196 9.20 -16.13 -3.29
C THR B 196 8.03 -16.20 -4.25
N CYS B 197 6.90 -15.61 -3.86
CA CYS B 197 5.77 -15.59 -4.78
C CYS B 197 5.86 -14.27 -5.54
N ASN B 198 5.45 -14.30 -6.79
CA ASN B 198 5.50 -13.09 -7.60
C ASN B 198 4.08 -12.84 -8.07
N VAL B 199 3.51 -11.72 -7.62
CA VAL B 199 2.15 -11.36 -7.96
C VAL B 199 2.11 -10.21 -8.96
N ALA B 200 1.52 -10.46 -10.11
CA ALA B 200 1.42 -9.44 -11.17
C ALA B 200 -0.03 -8.98 -11.31
N HIS B 201 -0.25 -7.67 -11.24
CA HIS B 201 -1.59 -7.13 -11.38
C HIS B 201 -1.63 -6.19 -12.58
N PRO B 202 -1.91 -6.72 -13.77
CA PRO B 202 -1.98 -5.98 -15.03
C PRO B 202 -2.61 -4.60 -14.97
N ALA B 203 -3.84 -4.52 -14.47
CA ALA B 203 -4.56 -3.25 -14.38
C ALA B 203 -3.77 -2.11 -13.72
N SER B 204 -3.09 -2.40 -12.62
CA SER B 204 -2.30 -1.38 -11.92
C SER B 204 -0.84 -1.37 -12.35
N SER B 205 -0.54 -2.11 -13.41
CA SER B 205 0.82 -2.17 -13.91
C SER B 205 1.83 -2.48 -12.82
N THR B 206 1.50 -3.44 -11.95
CA THR B 206 2.43 -3.79 -10.88
C THR B 206 2.77 -5.28 -10.87
N LYS B 207 3.98 -5.57 -10.39
CA LYS B 207 4.49 -6.92 -10.31
C LYS B 207 5.38 -6.90 -9.08
N VAL B 208 4.91 -7.51 -7.98
CA VAL B 208 5.71 -7.50 -6.78
C VAL B 208 6.09 -8.89 -6.30
N ASP B 209 7.21 -8.96 -5.61
CA ASP B 209 7.70 -10.21 -5.08
C ASP B 209 7.59 -10.20 -3.57
N LYS B 210 7.33 -11.36 -2.99
CA LYS B 210 7.27 -11.46 -1.54
C LYS B 210 7.96 -12.73 -1.08
N LYS B 211 9.18 -12.56 -0.58
CA LYS B 211 9.99 -13.67 -0.08
C LYS B 211 9.34 -14.17 1.21
N ILE B 212 9.30 -15.48 1.37
CA ILE B 212 8.72 -16.10 2.56
C ILE B 212 9.84 -16.33 3.57
N VAL B 213 9.90 -15.48 4.59
CA VAL B 213 10.93 -15.59 5.63
C VAL B 213 10.47 -16.49 6.75
N PRO B 214 11.38 -17.33 7.28
CA PRO B 214 11.02 -18.24 8.38
C PRO B 214 10.48 -17.47 9.58
N ARG B 215 9.44 -18.02 10.19
CA ARG B 215 8.79 -17.42 11.35
C ARG B 215 9.81 -17.15 12.46
N ASP B 216 10.05 -15.87 12.73
CA ASP B 216 10.98 -15.45 13.77
C ASP B 216 10.36 -15.64 15.15
N CYS B 217 10.01 -16.80 15.49
N VAL C 1 8.44 21.19 -19.24
CA VAL C 1 7.89 21.98 -18.11
C VAL C 1 8.97 22.46 -17.15
N GLN C 2 8.76 23.64 -16.58
CA GLN C 2 9.72 24.21 -15.65
C GLN C 2 9.13 25.40 -14.87
N LEU C 3 9.41 25.42 -13.58
CA LEU C 3 8.96 26.49 -12.69
C LEU C 3 10.21 27.18 -12.18
N GLN C 4 10.42 28.43 -12.59
CA GLN C 4 11.60 29.19 -12.19
C GLN C 4 11.26 30.19 -11.09
N GLN C 5 11.77 29.95 -9.89
CA GLN C 5 11.49 30.83 -8.76
C GLN C 5 12.60 31.88 -8.55
N SER C 6 12.20 33.02 -7.99
CA SER C 6 13.12 34.12 -7.71
C SER C 6 14.22 33.75 -6.72
N GLY C 7 15.32 34.50 -6.77
CA GLY C 7 16.46 34.23 -5.90
C GLY C 7 16.23 34.46 -4.43
N ALA C 8 17.19 34.02 -3.61
CA ALA C 8 17.14 34.14 -2.17
C ALA C 8 16.81 35.56 -1.72
N GLU C 9 16.12 35.65 -0.58
CA GLU C 9 15.70 36.91 -0.02
C GLU C 9 16.16 37.11 1.40
N LEU C 10 16.72 38.28 1.68
CA LEU C 10 17.14 38.63 3.03
C LEU C 10 16.07 39.64 3.38
N VAL C 11 15.22 39.29 4.34
CA VAL C 11 14.13 40.19 4.71
C VAL C 11 14.24 40.71 6.12
N ARG C 12 13.95 42.00 6.27
CA ARG C 12 13.96 42.66 7.56
C ARG C 12 12.57 42.56 8.16
N PRO C 13 12.46 42.09 9.41
CA PRO C 13 11.14 41.99 10.03
C PRO C 13 10.28 43.21 9.80
N GLY C 14 9.00 42.99 9.53
CA GLY C 14 8.07 44.08 9.30
C GLY C 14 7.90 44.47 7.84
N THR C 15 8.94 44.29 7.03
CA THR C 15 8.86 44.65 5.62
C THR C 15 8.46 43.49 4.71
N SER C 16 7.30 43.63 4.07
CA SER C 16 6.80 42.59 3.18
C SER C 16 7.82 42.20 2.11
N VAL C 17 7.68 40.95 1.64
CA VAL C 17 8.54 40.41 0.60
C VAL C 17 7.59 39.80 -0.43
N LYS C 18 8.03 39.70 -1.68
CA LYS C 18 7.21 39.15 -2.75
C LYS C 18 8.04 38.23 -3.62
N LEU C 19 7.65 36.96 -3.68
CA LEU C 19 8.38 35.96 -4.46
C LEU C 19 7.68 35.61 -5.77
N SER C 20 8.47 35.29 -6.79
CA SER C 20 7.91 34.93 -8.09
C SER C 20 8.22 33.48 -8.45
N CYS C 21 7.43 32.97 -9.38
CA CYS C 21 7.52 31.61 -9.90
C CYS C 21 7.18 31.68 -11.39
N LYS C 22 8.16 31.46 -12.25
CA LYS C 22 7.98 31.51 -13.70
C LYS C 22 7.60 30.15 -14.26
N ALA C 23 6.48 30.07 -14.95
CA ALA C 23 6.04 28.80 -15.54
C ALA C 23 6.31 28.76 -17.04
N SER C 24 6.70 27.58 -17.53
CA SER C 24 6.99 27.39 -18.94
C SER C 24 6.88 25.90 -19.31
N GLY C 25 6.40 25.62 -20.53
CA GLY C 25 6.28 24.24 -20.96
C GLY C 25 4.88 23.67 -20.92
N TYR C 26 3.91 24.47 -20.50
CA TYR C 26 2.52 24.02 -20.43
C TYR C 26 1.60 25.23 -20.44
N SER C 27 0.30 24.99 -20.55
CA SER C 27 -0.65 26.10 -20.56
C SER C 27 -0.79 26.65 -19.14
N PHE C 28 -0.16 27.79 -18.91
CA PHE C 28 -0.16 28.43 -17.60
C PHE C 28 -1.53 28.66 -16.98
N THR C 29 -2.51 29.09 -17.77
CA THR C 29 -3.84 29.34 -17.23
C THR C 29 -4.74 28.11 -17.17
N ASN C 30 -4.15 26.94 -17.41
CA ASN C 30 -4.92 25.70 -17.38
C ASN C 30 -4.83 24.87 -16.10
N TYR C 31 -3.95 25.25 -15.18
CA TYR C 31 -3.82 24.48 -13.94
C TYR C 31 -3.64 25.37 -12.72
N TRP C 32 -3.94 24.81 -11.56
CA TRP C 32 -3.80 25.53 -10.31
C TRP C 32 -2.33 25.55 -9.93
N MET C 33 -1.85 26.70 -9.43
CA MET C 33 -0.47 26.81 -9.00
C MET C 33 -0.47 26.82 -7.48
N ASN C 34 0.21 25.84 -6.89
CA ASN C 34 0.30 25.70 -5.45
C ASN C 34 1.52 26.42 -4.87
N TRP C 35 1.41 26.83 -3.62
CA TRP C 35 2.54 27.44 -2.92
C TRP C 35 2.72 26.66 -1.62
N LEU C 36 3.95 26.26 -1.34
CA LEU C 36 4.28 25.50 -0.14
C LEU C 36 5.45 26.15 0.62
N ARG C 37 5.53 25.85 1.91
CA ARG C 37 6.59 26.39 2.75
C ARG C 37 7.27 25.27 3.55
N GLN C 38 8.58 25.40 3.73
CA GLN C 38 9.34 24.44 4.50
C GLN C 38 10.30 25.21 5.41
N ARG C 39 9.95 25.32 6.68
CA ARG C 39 10.81 26.00 7.64
C ARG C 39 12.04 25.13 7.78
N PRO C 40 13.16 25.70 8.24
CA PRO C 40 14.40 24.94 8.40
C PRO C 40 14.27 23.68 9.27
N GLY C 41 14.64 22.54 8.70
CA GLY C 41 14.56 21.27 9.41
C GLY C 41 13.16 20.72 9.61
N GLN C 42 12.16 21.45 9.11
CA GLN C 42 10.76 21.06 9.24
C GLN C 42 10.19 20.31 8.04
N GLY C 43 8.90 20.02 8.12
CA GLY C 43 8.21 19.34 7.05
C GLY C 43 7.64 20.34 6.09
N LEU C 44 6.57 19.96 5.39
CA LEU C 44 5.94 20.84 4.41
C LEU C 44 4.57 21.36 4.85
N ASP C 45 4.33 22.64 4.58
CA ASP C 45 3.06 23.28 4.90
C ASP C 45 2.46 23.72 3.57
N TRP C 46 1.17 23.45 3.36
CA TRP C 46 0.52 23.88 2.14
C TRP C 46 -0.01 25.27 2.46
N ILE C 47 0.45 26.27 1.70
CA ILE C 47 0.01 27.65 1.91
C ILE C 47 -1.34 27.91 1.23
N GLY C 48 -1.42 27.51 -0.03
CA GLY C 48 -2.65 27.72 -0.78
C GLY C 48 -2.37 27.58 -2.25
N MET C 49 -3.37 27.93 -3.06
CA MET C 49 -3.22 27.83 -4.50
C MET C 49 -4.05 28.90 -5.18
N ILE C 50 -3.73 29.15 -6.44
CA ILE C 50 -4.41 30.14 -7.24
C ILE C 50 -4.52 29.64 -8.67
N HIS C 51 -5.70 29.77 -9.27
CA HIS C 51 -5.85 29.35 -10.65
C HIS C 51 -5.60 30.59 -11.49
N PRO C 52 -4.56 30.54 -12.33
CA PRO C 52 -4.16 31.64 -13.20
C PRO C 52 -5.19 32.14 -14.24
N SER C 53 -6.18 31.32 -14.57
CA SER C 53 -7.18 31.73 -15.55
C SER C 53 -8.05 32.89 -15.06
N ASP C 54 -8.41 32.87 -13.79
CA ASP C 54 -9.26 33.91 -13.21
C ASP C 54 -8.77 34.44 -11.87
N SER C 55 -7.54 34.08 -11.50
CA SER C 55 -6.94 34.50 -10.24
C SER C 55 -7.74 34.02 -9.04
N GLU C 56 -8.56 33.00 -9.25
CA GLU C 56 -9.35 32.43 -8.16
C GLU C 56 -8.32 31.86 -7.18
N THR C 57 -8.51 32.09 -5.87
CA THR C 57 -7.57 31.57 -4.88
C THR C 57 -8.22 30.85 -3.71
N ARG C 58 -7.56 29.82 -3.22
CA ARG C 58 -8.03 29.04 -2.08
C ARG C 58 -6.84 28.90 -1.13
N LEU C 59 -6.95 29.49 0.05
CA LEU C 59 -5.85 29.47 1.00
C LEU C 59 -6.06 28.65 2.25
N ASN C 60 -4.94 28.16 2.78
CA ASN C 60 -4.93 27.39 4.01
C ASN C 60 -5.24 28.48 5.03
N GLN C 61 -6.31 28.30 5.80
CA GLN C 61 -6.70 29.30 6.79
C GLN C 61 -5.51 29.74 7.65
N LYS C 62 -4.57 28.84 7.87
CA LYS C 62 -3.38 29.14 8.66
C LYS C 62 -2.60 30.32 8.10
N PHE C 63 -2.63 30.50 6.79
CA PHE C 63 -1.91 31.59 6.16
C PHE C 63 -2.80 32.71 5.63
N LYS C 64 -4.08 32.69 6.01
CA LYS C 64 -5.03 33.70 5.55
C LYS C 64 -4.56 35.14 5.69
N ASP C 65 -4.00 35.47 6.85
CA ASP C 65 -3.52 36.84 7.08
C ASP C 65 -2.01 36.94 6.99
N LYS C 66 -1.39 36.10 6.17
CA LYS C 66 0.06 36.13 6.05
C LYS C 66 0.52 36.20 4.61
N ALA C 67 -0.21 35.52 3.72
CA ALA C 67 0.17 35.49 2.31
C ALA C 67 -0.94 35.89 1.35
N THR C 68 -0.53 36.48 0.24
CA THR C 68 -1.42 36.94 -0.81
C THR C 68 -0.93 36.34 -2.12
N LEU C 69 -1.82 35.66 -2.84
CA LEU C 69 -1.44 35.04 -4.10
C LEU C 69 -1.98 35.84 -5.28
N THR C 70 -1.14 36.07 -6.27
CA THR C 70 -1.55 36.80 -7.46
C THR C 70 -0.82 36.15 -8.62
N VAL C 71 -1.17 36.56 -9.83
CA VAL C 71 -0.58 36.01 -11.03
C VAL C 71 -0.58 37.05 -12.14
N ASP C 72 0.36 36.92 -13.07
CA ASP C 72 0.43 37.79 -14.23
C ASP C 72 0.42 36.89 -15.46
N ARG C 73 -0.76 36.69 -16.03
CA ARG C 73 -0.87 35.84 -17.21
C ARG C 73 0.11 36.26 -18.30
N SER C 74 0.35 37.57 -18.38
CA SER C 74 1.26 38.12 -19.39
C SER C 74 2.59 37.38 -19.42
N SER C 75 3.26 37.35 -18.27
CA SER C 75 4.54 36.67 -18.16
C SER C 75 4.39 35.28 -17.57
N SER C 76 3.14 34.82 -17.50
CA SER C 76 2.85 33.51 -16.93
C SER C 76 3.69 33.24 -15.69
N THR C 77 3.59 34.14 -14.72
CA THR C 77 4.33 34.00 -13.47
C THR C 77 3.39 34.21 -12.29
N ALA C 78 3.53 33.35 -11.29
CA ALA C 78 2.71 33.45 -10.09
C ALA C 78 3.51 34.20 -9.03
N TYR C 79 2.81 34.84 -8.10
CA TYR C 79 3.49 35.57 -7.04
C TYR C 79 2.88 35.29 -5.68
N ILE C 80 3.72 35.42 -4.66
CA ILE C 80 3.27 35.25 -3.29
C ILE C 80 3.91 36.37 -2.49
N GLN C 81 3.09 37.14 -1.79
CA GLN C 81 3.61 38.23 -0.98
C GLN C 81 3.34 37.93 0.47
N LEU C 82 4.37 38.04 1.29
CA LEU C 82 4.24 37.79 2.71
C LEU C 82 4.11 39.09 3.46
N SER C 83 3.04 39.21 4.25
CA SER C 83 2.79 40.41 5.03
C SER C 83 3.54 40.36 6.36
N SER C 84 4.01 41.52 6.81
CA SER C 84 4.74 41.64 8.08
C SER C 84 5.54 40.39 8.41
N PRO C 85 6.60 40.11 7.64
CA PRO C 85 7.44 38.93 7.86
C PRO C 85 8.09 38.92 9.24
N THR C 86 8.23 37.74 9.82
CA THR C 86 8.88 37.58 11.12
C THR C 86 9.86 36.43 10.95
N SER C 87 10.74 36.24 11.91
CA SER C 87 11.72 35.15 11.83
C SER C 87 10.96 33.85 11.67
N GLU C 88 9.72 33.82 12.15
CA GLU C 88 8.89 32.64 12.08
C GLU C 88 8.56 32.29 10.64
N ASP C 89 8.73 33.26 9.76
CA ASP C 89 8.43 33.04 8.35
C ASP C 89 9.65 32.66 7.53
N SER C 90 10.80 32.53 8.19
CA SER C 90 12.02 32.14 7.49
C SER C 90 11.83 30.70 7.05
N ALA C 91 12.06 30.44 5.77
CA ALA C 91 11.89 29.10 5.23
C ALA C 91 12.10 29.08 3.72
N VAL C 92 12.06 27.89 3.14
CA VAL C 92 12.20 27.76 1.70
C VAL C 92 10.76 27.69 1.17
N TYR C 93 10.44 28.54 0.20
CA TYR C 93 9.11 28.57 -0.38
C TYR C 93 9.06 27.94 -1.77
N TYR C 94 8.09 27.06 -1.98
CA TYR C 94 7.97 26.39 -3.26
C TYR C 94 6.65 26.67 -3.94
N CYS C 95 6.70 26.71 -5.26
CA CYS C 95 5.50 26.86 -6.06
C CYS C 95 5.51 25.54 -6.79
N ALA C 96 4.34 24.98 -7.05
CA ALA C 96 4.32 23.71 -7.76
C ALA C 96 2.95 23.30 -8.25
N ARG C 97 2.96 22.43 -9.25
CA ARG C 97 1.74 21.89 -9.78
C ARG C 97 1.61 20.51 -9.17
N ASP C 98 0.38 20.09 -8.91
CA ASP C 98 0.12 18.79 -8.33
C ASP C 98 -1.27 18.40 -8.77
N ASP C 99 -1.35 17.88 -10.00
CA ASP C 99 -2.63 17.49 -10.56
C ASP C 99 -2.51 16.26 -11.45
N TYR C 100 -3.63 15.90 -12.06
CA TYR C 100 -3.69 14.75 -12.95
C TYR C 100 -2.65 14.82 -14.07
N ASP C 101 -2.52 15.98 -14.71
CA ASP C 101 -1.56 16.13 -15.79
C ASP C 101 -0.11 16.18 -15.32
N GLY C 102 0.11 15.98 -14.02
CA GLY C 102 1.47 15.98 -13.53
C GLY C 102 1.77 16.78 -12.28
N ALA C 103 2.99 16.59 -11.78
CA ALA C 103 3.48 17.26 -10.60
C ALA C 103 4.84 17.85 -10.91
N PHE C 104 4.98 19.16 -10.72
CA PHE C 104 6.24 19.84 -11.00
C PHE C 104 6.49 20.87 -9.91
N TRP C 105 7.67 20.81 -9.32
CA TRP C 105 8.04 21.76 -8.27
C TRP C 105 9.16 22.68 -8.76
N GLY C 106 9.15 23.91 -8.27
CA GLY C 106 10.20 24.84 -8.62
C GLY C 106 11.38 24.45 -7.73
N GLN C 107 12.48 25.17 -7.83
CA GLN C 107 13.65 24.84 -7.02
C GLN C 107 13.51 25.43 -5.61
N GLY C 108 12.53 26.32 -5.45
CA GLY C 108 12.30 26.95 -4.18
C GLY C 108 13.14 28.19 -4.01
N THR C 109 12.71 29.11 -3.14
CA THR C 109 13.48 30.31 -2.90
C THR C 109 13.61 30.47 -1.39
N LEU C 110 14.84 30.63 -0.92
CA LEU C 110 15.08 30.78 0.50
C LEU C 110 14.74 32.18 0.99
N VAL C 111 13.97 32.27 2.05
CA VAL C 111 13.62 33.56 2.62
C VAL C 111 14.06 33.57 4.08
N THR C 112 14.97 34.48 4.39
CA THR C 112 15.48 34.61 5.75
C THR C 112 15.01 35.95 6.30
N VAL C 113 14.27 35.92 7.40
CA VAL C 113 13.79 37.14 8.01
C VAL C 113 14.68 37.45 9.19
N SER C 114 15.52 38.47 9.06
CA SER C 114 16.44 38.84 10.14
C SER C 114 16.88 40.29 10.05
N ALA C 115 17.04 40.92 11.21
CA ALA C 115 17.47 42.31 11.28
C ALA C 115 19.00 42.40 11.33
N ALA C 116 19.64 41.29 11.64
CA ALA C 116 21.10 41.24 11.75
C ALA C 116 21.80 41.87 10.54
N LYS C 117 22.99 42.41 10.79
CA LYS C 117 23.81 43.02 9.75
C LYS C 117 25.00 42.08 9.59
N THR C 118 25.81 42.29 8.55
CA THR C 118 26.96 41.43 8.33
C THR C 118 27.88 41.45 9.54
N THR C 119 28.10 40.27 10.11
CA THR C 119 28.90 40.14 11.30
C THR C 119 29.86 38.96 11.28
N PRO C 120 31.17 39.23 11.30
CA PRO C 120 32.11 38.09 11.28
C PRO C 120 31.96 37.28 12.56
N PRO C 121 32.17 35.96 12.47
CA PRO C 121 32.05 35.11 13.64
C PRO C 121 33.16 35.28 14.66
N SER C 122 32.85 34.96 15.92
CA SER C 122 33.86 34.96 16.97
C SER C 122 34.24 33.47 17.00
N VAL C 123 35.54 33.18 16.98
CA VAL C 123 36.00 31.80 16.98
C VAL C 123 36.67 31.47 18.30
N TYR C 124 36.18 30.43 18.95
CA TYR C 124 36.72 30.05 20.24
C TYR C 124 37.30 28.66 20.23
N PRO C 125 38.49 28.49 20.84
CA PRO C 125 39.15 27.20 20.90
C PRO C 125 38.45 26.29 21.89
N LEU C 126 38.38 25.02 21.56
CA LEU C 126 37.75 24.04 22.45
C LEU C 126 38.82 23.01 22.76
N ALA C 127 39.45 23.18 23.92
CA ALA C 127 40.50 22.28 24.37
C ALA C 127 39.98 21.44 25.53
N PRO C 128 40.51 20.21 25.68
CA PRO C 128 40.14 19.27 26.73
C PRO C 128 40.47 19.77 28.13
N GLY C 129 40.01 19.03 29.14
CA GLY C 129 40.26 19.39 30.52
C GLY C 129 40.95 18.27 31.28
N SER C 130 42.06 17.78 30.71
CA SER C 130 42.84 16.70 31.32
C SER C 130 42.01 15.58 31.93
N ALA C 131 41.82 14.52 31.15
CA ALA C 131 41.05 13.36 31.57
C ALA C 131 40.83 12.44 30.37
N ALA C 132 40.87 11.13 30.62
CA ALA C 132 40.67 10.13 29.58
C ALA C 132 41.46 10.42 28.31
N GLN C 133 42.49 11.26 28.42
CA GLN C 133 43.32 11.61 27.27
C GLN C 133 44.31 10.50 26.99
N THR C 134 44.40 9.54 27.91
CA THR C 134 45.29 8.39 27.76
C THR C 134 44.63 7.42 26.79
N ASN C 135 43.32 7.60 26.61
CA ASN C 135 42.50 6.77 25.72
C ASN C 135 43.10 6.58 24.33
N SER C 136 44.17 7.32 24.05
CA SER C 136 44.88 7.28 22.78
C SER C 136 44.37 8.32 21.80
N MET C 137 43.07 8.59 21.84
CA MET C 137 42.46 9.57 20.95
C MET C 137 41.94 10.78 21.73
N VAL C 138 42.16 11.96 21.18
CA VAL C 138 41.71 13.19 21.83
C VAL C 138 40.83 13.97 20.86
N THR C 139 39.79 14.60 21.39
CA THR C 139 38.88 15.37 20.54
C THR C 139 39.00 16.85 20.86
N LEU C 140 39.20 17.65 19.81
CA LEU C 140 39.34 19.08 19.95
C LEU C 140 38.28 19.70 19.06
N GLY C 141 38.08 21.01 19.20
CA GLY C 141 37.10 21.66 18.37
C GLY C 141 37.15 23.17 18.40
N CYS C 142 36.28 23.75 17.59
CA CYS C 142 36.16 25.19 17.49
C CYS C 142 34.70 25.59 17.49
N LEU C 143 34.38 26.63 18.25
CA LEU C 143 33.02 27.13 18.30
C LEU C 143 33.04 28.41 17.46
N VAL C 144 32.20 28.46 16.45
CA VAL C 144 32.12 29.62 15.56
C VAL C 144 30.78 30.25 15.94
N LYS C 145 30.82 31.34 16.69
CA LYS C 145 29.59 31.96 17.17
C LYS C 145 29.33 33.41 16.78
N GLY C 146 28.04 33.73 16.62
CA GLY C 146 27.61 35.08 16.30
C GLY C 146 27.91 35.68 14.94
N TYR C 147 27.77 34.91 13.86
CA TYR C 147 28.04 35.46 12.54
C TYR C 147 26.78 35.60 11.68
N PHE C 148 26.87 36.46 10.67
CA PHE C 148 25.76 36.69 9.76
C PHE C 148 26.27 37.37 8.50
N PRO C 149 25.82 36.92 7.32
CA PRO C 149 24.87 35.82 7.12
C PRO C 149 25.65 34.51 7.02
N ALA C 150 24.99 33.45 6.62
CA ALA C 150 25.66 32.16 6.46
C ALA C 150 26.21 32.15 5.03
N PRO C 151 27.21 31.31 4.76
CA PRO C 151 27.84 30.39 5.71
C PRO C 151 29.26 30.80 6.05
N VAL C 152 29.98 29.85 6.65
CA VAL C 152 31.37 30.03 7.00
C VAL C 152 31.99 28.71 6.56
N THR C 153 33.29 28.70 6.34
CA THR C 153 33.97 27.49 5.92
C THR C 153 34.98 27.16 7.00
N VAL C 154 34.96 25.91 7.47
CA VAL C 154 35.88 25.51 8.51
C VAL C 154 36.79 24.37 8.07
N THR C 155 38.08 24.56 8.28
CA THR C 155 39.07 23.53 7.95
C THR C 155 39.96 23.43 9.15
N TRP C 156 40.76 22.38 9.19
CA TRP C 156 41.68 22.16 10.29
C TRP C 156 43.06 22.00 9.68
N ASN C 157 44.02 22.76 10.21
CA ASN C 157 45.40 22.76 9.73
C ASN C 157 45.45 23.02 8.24
N SER C 158 44.57 23.90 7.77
CA SER C 158 44.53 24.29 6.37
C SER C 158 44.27 23.11 5.45
N GLY C 159 43.41 22.19 5.89
CA GLY C 159 43.09 21.04 5.09
C GLY C 159 43.90 19.80 5.42
N SER C 160 45.05 19.99 6.08
CA SER C 160 45.91 18.88 6.43
C SER C 160 45.18 17.80 7.24
N LEU C 161 44.28 18.22 8.12
CA LEU C 161 43.48 17.27 8.91
C LEU C 161 42.10 17.22 8.28
N SER C 162 41.79 16.10 7.63
CA SER C 162 40.52 15.90 6.93
C SER C 162 39.59 14.87 7.53
N SER C 163 40.14 13.71 7.91
CA SER C 163 39.30 12.67 8.49
C SER C 163 39.09 12.90 9.98
N GLY C 164 38.10 12.22 10.53
CA GLY C 164 37.81 12.37 11.95
C GLY C 164 37.36 13.79 12.27
N VAL C 165 36.87 14.49 11.26
CA VAL C 165 36.39 15.85 11.44
C VAL C 165 34.86 15.91 11.29
N HIS C 166 34.21 16.63 12.19
CA HIS C 166 32.76 16.78 12.13
C HIS C 166 32.39 18.27 12.26
N THR C 167 31.90 18.86 11.18
CA THR C 167 31.48 20.26 11.19
C THR C 167 29.96 20.31 11.17
N PHE C 168 29.39 20.64 12.32
CA PHE C 168 27.95 20.68 12.50
C PHE C 168 27.19 21.81 11.81
N PRO C 169 25.95 21.52 11.37
CA PRO C 169 25.11 22.51 10.69
C PRO C 169 24.91 23.66 11.68
N ALA C 170 24.77 24.88 11.17
CA ALA C 170 24.59 26.06 12.03
C ALA C 170 23.16 26.27 12.52
N VAL C 171 23.02 26.78 13.73
CA VAL C 171 21.70 27.07 14.30
C VAL C 171 21.64 28.54 14.69
N LEU C 172 20.42 29.09 14.77
CA LEU C 172 20.24 30.49 15.14
C LEU C 172 20.22 30.69 16.64
N GLN C 173 21.01 31.65 17.12
CA GLN C 173 21.07 31.96 18.54
C GLN C 173 20.07 33.06 18.81
N SER C 174 19.85 33.89 17.80
CA SER C 174 18.93 35.03 17.82
C SER C 174 19.36 36.00 16.73
N ASP C 175 18.93 35.73 15.50
CA ASP C 175 19.28 36.55 14.34
C ASP C 175 20.71 36.28 13.89
N LEU C 176 21.47 35.54 14.70
CA LEU C 176 22.86 35.21 14.36
C LEU C 176 23.13 33.71 14.41
N TYR C 177 24.00 33.24 13.53
CA TYR C 177 24.36 31.83 13.44
C TYR C 177 25.50 31.41 14.35
N THR C 178 25.48 30.14 14.72
CA THR C 178 26.48 29.56 15.59
C THR C 178 26.69 28.12 15.13
N LEU C 179 27.94 27.74 15.00
CA LEU C 179 28.28 26.40 14.54
C LEU C 179 29.55 25.96 15.25
N SER C 180 29.76 24.65 15.28
CA SER C 180 30.94 24.10 15.94
C SER C 180 31.54 23.02 15.05
N SER C 181 32.82 22.75 15.24
CA SER C 181 33.50 21.71 14.49
C SER C 181 34.45 20.97 15.41
N SER C 182 34.42 19.64 15.35
CA SER C 182 35.30 18.84 16.17
C SER C 182 36.30 18.12 15.30
N VAL C 183 37.48 17.85 15.84
CA VAL C 183 38.50 17.11 15.11
C VAL C 183 39.10 16.14 16.11
N THR C 184 39.36 14.91 15.67
CA THR C 184 39.90 13.88 16.55
C THR C 184 41.23 13.33 16.04
N VAL C 185 42.23 13.26 16.92
CA VAL C 185 43.57 12.77 16.58
C VAL C 185 44.19 12.00 17.75
N PRO C 186 45.20 11.16 17.48
CA PRO C 186 45.82 10.41 18.59
C PRO C 186 46.52 11.34 19.55
N SER C 187 46.64 10.93 20.81
CA SER C 187 47.28 11.75 21.83
C SER C 187 48.76 11.90 21.55
N SER C 188 49.28 11.06 20.67
CA SER C 188 50.69 11.12 20.30
C SER C 188 50.88 12.22 19.24
N THR C 189 49.77 12.73 18.71
CA THR C 189 49.78 13.79 17.70
C THR C 189 49.59 15.18 18.29
N TRP C 190 48.73 15.29 19.30
CA TRP C 190 48.48 16.55 19.97
C TRP C 190 48.66 16.31 21.46
N PRO C 191 49.25 17.26 22.18
CA PRO C 191 49.75 18.55 21.70
C PRO C 191 51.11 18.60 20.97
N SER C 192 51.79 17.46 20.82
CA SER C 192 53.09 17.45 20.13
C SER C 192 53.04 18.33 18.88
N GLU C 193 52.05 18.07 18.03
CA GLU C 193 51.86 18.83 16.81
C GLU C 193 50.86 19.95 17.05
N THR C 194 50.93 21.01 16.25
CA THR C 194 50.03 22.13 16.39
C THR C 194 48.73 21.89 15.62
N VAL C 195 47.59 22.06 16.30
CA VAL C 195 46.28 21.88 15.68
C VAL C 195 45.54 23.23 15.64
N THR C 196 45.16 23.65 14.44
CA THR C 196 44.48 24.93 14.26
C THR C 196 43.26 24.87 13.36
N CYS C 197 42.17 25.50 13.76
CA CYS C 197 40.99 25.53 12.92
C CYS C 197 41.00 26.86 12.17
N ASN C 198 40.59 26.82 10.92
CA ASN C 198 40.56 28.02 10.10
C ASN C 198 39.11 28.25 9.76
N VAL C 199 38.62 29.46 10.03
CA VAL C 199 37.24 29.79 9.76
C VAL C 199 37.17 30.95 8.80
N ALA C 200 36.52 30.74 7.67
CA ALA C 200 36.38 31.80 6.68
C ALA C 200 34.92 32.24 6.59
N HIS C 201 34.72 33.54 6.42
CA HIS C 201 33.38 34.09 6.30
C HIS C 201 33.39 34.92 5.03
N PRO C 202 32.95 34.33 3.91
CA PRO C 202 32.91 35.00 2.61
C PRO C 202 32.25 36.37 2.62
N ALA C 203 31.09 36.47 3.27
CA ALA C 203 30.36 37.73 3.34
C ALA C 203 31.17 38.90 3.89
N SER C 204 32.07 38.65 4.85
CA SER C 204 32.86 39.74 5.41
C SER C 204 34.32 39.69 4.97
N SER C 205 34.65 38.75 4.11
CA SER C 205 36.03 38.60 3.63
C SER C 205 37.00 38.49 4.80
N THR C 206 36.62 37.69 5.79
CA THR C 206 37.44 37.47 6.98
C THR C 206 37.84 36.01 7.08
N LYS C 207 39.04 35.79 7.62
CA LYS C 207 39.57 34.45 7.82
C LYS C 207 40.28 34.48 9.16
N VAL C 208 39.84 33.60 10.06
CA VAL C 208 40.42 33.54 11.39
C VAL C 208 40.97 32.16 11.71
N ASP C 209 42.16 32.12 12.28
CA ASP C 209 42.79 30.86 12.68
C ASP C 209 42.77 30.86 14.20
N LYS C 210 42.60 29.69 14.78
CA LYS C 210 42.58 29.59 16.23
C LYS C 210 43.27 28.30 16.64
N LYS C 211 44.47 28.43 17.20
CA LYS C 211 45.26 27.29 17.66
C LYS C 211 44.64 26.69 18.92
N ILE C 212 44.69 25.37 19.04
CA ILE C 212 44.15 24.67 20.20
C ILE C 212 45.26 24.40 21.20
N VAL C 213 45.43 25.29 22.18
CA VAL C 213 46.47 25.11 23.18
C VAL C 213 45.95 24.36 24.41
N PRO C 214 46.76 23.47 24.98
CA PRO C 214 46.31 22.73 26.16
C PRO C 214 45.87 23.66 27.28
N ARG C 215 45.02 23.15 28.16
CA ARG C 215 44.48 23.91 29.28
C ARG C 215 45.40 23.89 30.50
N ASP C 216 45.69 22.78 31.01
N LEU D 2 -6.79 17.37 9.59
CA LEU D 2 -6.52 15.96 9.17
C LEU D 2 -5.07 15.60 9.48
N VAL D 3 -4.89 14.64 10.39
CA VAL D 3 -3.56 14.22 10.80
C VAL D 3 -3.03 13.01 10.04
N MET D 4 -1.81 13.17 9.51
CA MET D 4 -1.14 12.13 8.75
C MET D 4 0.01 11.62 9.59
N THR D 5 0.10 10.31 9.72
CA THR D 5 1.15 9.68 10.51
C THR D 5 1.99 8.70 9.71
N GLN D 6 3.29 8.96 9.64
CA GLN D 6 4.19 8.07 8.92
C GLN D 6 5.05 7.28 9.91
N SER D 7 5.30 6.03 9.57
CA SER D 7 6.12 5.18 10.41
C SER D 7 7.00 4.33 9.49
N PRO D 8 8.28 4.16 9.84
CA PRO D 8 8.94 4.70 11.04
C PRO D 8 9.43 6.12 10.79
N LEU D 9 9.97 6.75 11.83
CA LEU D 9 10.51 8.09 11.71
C LEU D 9 11.65 8.02 10.69
N THR D 10 12.44 6.98 10.82
CA THR D 10 13.57 6.75 9.93
C THR D 10 13.60 5.25 9.63
N LEU D 11 13.79 4.91 8.36
CA LEU D 11 13.83 3.51 7.96
C LEU D 11 15.26 3.08 7.64
N SER D 12 15.78 2.12 8.38
CA SER D 12 17.14 1.64 8.11
C SER D 12 16.97 0.70 6.93
N VAL D 13 17.84 0.84 5.94
CA VAL D 13 17.77 -0.02 4.78
C VAL D 13 19.16 -0.40 4.32
N THR D 14 19.23 -1.45 3.51
CA THR D 14 20.51 -1.88 2.99
C THR D 14 20.34 -1.94 1.49
N ILE D 15 21.27 -1.31 0.78
CA ILE D 15 21.25 -1.26 -0.68
C ILE D 15 20.98 -2.63 -1.29
N GLY D 16 19.99 -2.68 -2.18
CA GLY D 16 19.63 -3.93 -2.85
C GLY D 16 18.47 -4.68 -2.22
N GLN D 17 18.11 -4.32 -0.99
CA GLN D 17 17.02 -4.99 -0.29
C GLN D 17 15.71 -4.21 -0.35
N PRO D 18 14.59 -4.86 0.02
CA PRO D 18 13.27 -4.23 0.01
C PRO D 18 13.08 -3.24 1.17
N ALA D 19 12.19 -2.28 0.97
CA ALA D 19 11.88 -1.28 1.98
C ALA D 19 10.39 -0.95 1.90
N SER D 20 9.77 -0.73 3.05
CA SER D 20 8.35 -0.39 3.12
C SER D 20 8.15 0.73 4.12
N ILE D 21 7.32 1.71 3.74
CA ILE D 21 6.99 2.87 4.58
C ILE D 21 5.47 2.91 4.81
N SER D 22 5.07 3.24 6.03
CA SER D 22 3.67 3.29 6.41
C SER D 22 3.15 4.72 6.56
N CYS D 23 1.94 4.96 6.08
CA CYS D 23 1.29 6.27 6.20
C CYS D 23 -0.17 6.05 6.56
N LYS D 24 -0.58 6.62 7.69
CA LYS D 24 -1.94 6.49 8.18
C LYS D 24 -2.57 7.88 8.32
N SER D 25 -3.89 7.95 8.15
CA SER D 25 -4.60 9.22 8.27
C SER D 25 -5.65 9.16 9.37
N SER D 26 -5.92 10.30 10.01
CA SER D 26 -6.88 10.35 11.09
C SER D 26 -8.31 10.06 10.64
N GLN D 27 -8.59 10.32 9.36
CA GLN D 27 -9.91 10.06 8.80
C GLN D 27 -9.74 9.48 7.40
N SER D 28 -10.76 8.76 6.94
CA SER D 28 -10.68 8.15 5.63
C SER D 28 -10.40 9.18 4.56
N LEU D 29 -9.51 8.82 3.65
CA LEU D 29 -9.14 9.70 2.54
C LEU D 29 -9.99 9.39 1.32
N LEU D 30 -10.90 8.44 1.47
CA LEU D 30 -11.79 8.08 0.37
C LEU D 30 -12.78 9.21 0.21
N TYR D 31 -12.78 9.81 -0.97
CA TYR D 31 -13.69 10.93 -1.25
C TYR D 31 -14.92 10.44 -2.01
N SER D 32 -16.01 11.18 -1.87
CA SER D 32 -17.28 10.83 -2.49
C SER D 32 -17.31 10.71 -4.01
N ASN D 33 -16.23 11.07 -4.71
CA ASN D 33 -16.22 10.90 -6.15
C ASN D 33 -15.61 9.53 -6.46
N GLY D 34 -15.24 8.82 -5.41
CA GLY D 34 -14.68 7.49 -5.59
C GLY D 34 -13.17 7.41 -5.58
N LYS D 35 -12.49 8.55 -5.60
CA LYS D 35 -11.04 8.58 -5.59
C LYS D 35 -10.51 8.81 -4.19
N THR D 36 -9.26 8.42 -3.96
CA THR D 36 -8.62 8.58 -2.68
C THR D 36 -7.39 9.47 -2.92
N TYR D 37 -7.45 10.71 -2.44
CA TYR D 37 -6.38 11.66 -2.65
C TYR D 37 -5.18 11.54 -1.72
N LEU D 38 -4.30 10.59 -2.03
CA LEU D 38 -3.10 10.38 -1.24
C LEU D 38 -1.91 10.21 -2.17
N ASN D 39 -0.87 11.02 -1.94
CA ASN D 39 0.32 10.98 -2.77
C ASN D 39 1.59 10.77 -1.96
N TRP D 40 2.66 10.36 -2.63
CA TRP D 40 3.95 10.16 -1.98
C TRP D 40 5.00 10.98 -2.71
N LEU D 41 5.84 11.68 -1.95
CA LEU D 41 6.90 12.48 -2.54
C LEU D 41 8.24 12.16 -1.90
N LEU D 42 9.29 12.22 -2.70
CA LEU D 42 10.63 11.98 -2.21
C LEU D 42 11.42 13.28 -2.35
N GLN D 43 12.03 13.70 -1.26
CA GLN D 43 12.84 14.90 -1.29
C GLN D 43 14.26 14.45 -0.98
N ARG D 44 15.11 14.42 -2.01
CA ARG D 44 16.50 14.05 -1.84
C ARG D 44 17.22 15.26 -1.25
N PRO D 45 18.36 15.05 -0.58
CA PRO D 45 19.14 16.11 0.05
C PRO D 45 19.36 17.31 -0.86
N GLY D 46 19.03 18.50 -0.35
CA GLY D 46 19.20 19.73 -1.10
C GLY D 46 18.37 19.86 -2.37
N GLN D 47 17.40 18.97 -2.54
CA GLN D 47 16.56 18.99 -3.73
C GLN D 47 15.14 19.41 -3.41
N SER D 48 14.36 19.70 -4.45
CA SER D 48 12.96 20.05 -4.29
C SER D 48 12.20 18.73 -4.23
N PRO D 49 11.14 18.65 -3.41
CA PRO D 49 10.38 17.41 -3.32
C PRO D 49 9.96 16.98 -4.72
N LYS D 50 9.69 15.70 -4.89
CA LYS D 50 9.26 15.17 -6.17
C LYS D 50 8.25 14.05 -5.97
N ARG D 51 7.06 14.25 -6.50
CA ARG D 51 6.00 13.27 -6.39
C ARG D 51 6.39 12.01 -7.15
N LEU D 52 6.22 10.85 -6.52
CA LEU D 52 6.55 9.58 -7.14
C LEU D 52 5.27 8.79 -7.41
N ILE D 53 4.28 8.98 -6.53
CA ILE D 53 3.01 8.26 -6.63
C ILE D 53 1.83 9.17 -6.32
N TYR D 54 0.75 9.05 -7.09
CA TYR D 54 -0.44 9.86 -6.84
C TYR D 54 -1.66 8.96 -6.88
N LEU D 55 -2.71 9.38 -6.17
CA LEU D 55 -3.94 8.60 -6.08
C LEU D 55 -3.63 7.18 -5.58
N VAL D 56 -2.85 7.14 -4.50
CA VAL D 56 -2.49 5.89 -3.84
C VAL D 56 -1.52 4.95 -4.56
N SER D 57 -1.84 4.58 -5.80
CA SER D 57 -0.99 3.63 -6.51
C SER D 57 -0.51 3.99 -7.91
N LYS D 58 -0.78 5.21 -8.37
CA LYS D 58 -0.34 5.60 -9.70
C LYS D 58 1.08 6.13 -9.72
N LEU D 59 1.91 5.56 -10.58
CA LEU D 59 3.31 5.96 -10.69
C LEU D 59 3.49 7.12 -11.64
N ASP D 60 4.23 8.13 -11.23
CA ASP D 60 4.47 9.29 -12.09
C ASP D 60 5.45 8.92 -13.20
N SER D 61 5.25 9.53 -14.36
CA SER D 61 6.11 9.30 -15.50
C SER D 61 7.55 9.45 -15.06
N GLY D 62 8.41 8.57 -15.56
CA GLY D 62 9.82 8.64 -15.23
C GLY D 62 10.23 7.97 -13.92
N ASP D 63 9.27 7.71 -13.04
CA ASP D 63 9.62 7.06 -11.78
C ASP D 63 9.84 5.58 -11.96
N PRO D 64 10.90 5.04 -11.32
CA PRO D 64 11.23 3.62 -11.41
C PRO D 64 10.07 2.73 -11.01
N ASP D 65 9.91 1.62 -11.71
CA ASP D 65 8.85 0.67 -11.42
C ASP D 65 9.15 -0.03 -10.10
N ARG D 66 10.28 0.33 -9.48
CA ARG D 66 10.67 -0.25 -8.20
C ARG D 66 9.73 0.23 -7.11
N PHE D 67 9.11 1.39 -7.34
CA PHE D 67 8.21 1.97 -6.36
C PHE D 67 6.79 1.52 -6.59
N THR D 68 6.09 1.21 -5.50
CA THR D 68 4.71 0.81 -5.55
C THR D 68 3.96 1.41 -4.38
N GLY D 69 2.72 1.83 -4.64
CA GLY D 69 1.90 2.39 -3.59
C GLY D 69 0.67 1.54 -3.48
N SER D 70 0.21 1.28 -2.25
CA SER D 70 -1.01 0.49 -2.04
C SER D 70 -1.74 0.98 -0.80
N GLY D 71 -2.87 0.34 -0.48
CA GLY D 71 -3.64 0.74 0.69
C GLY D 71 -4.98 1.37 0.35
N SER D 72 -5.64 1.91 1.36
CA SER D 72 -6.94 2.55 1.16
C SER D 72 -7.51 3.00 2.48
N GLY D 73 -8.50 3.89 2.42
CA GLY D 73 -9.14 4.37 3.62
C GLY D 73 -8.23 5.20 4.52
N THR D 74 -7.70 4.56 5.55
CA THR D 74 -6.83 5.25 6.49
C THR D 74 -5.43 4.66 6.54
N ASP D 75 -5.20 3.61 5.77
CA ASP D 75 -3.89 2.96 5.76
C ASP D 75 -3.24 2.89 4.38
N PHE D 76 -2.00 3.31 4.28
CA PHE D 76 -1.31 3.30 3.00
C PHE D 76 0.13 2.84 3.14
N THR D 77 0.68 2.31 2.05
CA THR D 77 2.04 1.81 2.07
C THR D 77 2.85 2.17 0.84
N LEU D 78 4.13 2.48 1.07
CA LEU D 78 5.04 2.80 -0.01
C LEU D 78 6.15 1.74 0.04
N LYS D 79 6.28 0.96 -1.02
CA LYS D 79 7.31 -0.08 -1.08
C LYS D 79 8.37 0.26 -2.14
N ILE D 80 9.56 -0.32 -1.96
CA ILE D 80 10.65 -0.15 -2.90
C ILE D 80 11.18 -1.54 -3.15
N SER D 81 10.99 -2.07 -4.34
CA SER D 81 11.45 -3.43 -4.66
C SER D 81 12.90 -3.64 -4.23
N ARG D 82 13.78 -2.73 -4.61
CA ARG D 82 15.20 -2.81 -4.24
C ARG D 82 15.72 -1.40 -4.06
N VAL D 83 16.18 -1.09 -2.85
CA VAL D 83 16.69 0.25 -2.58
C VAL D 83 18.02 0.53 -3.27
N GLU D 84 18.06 1.65 -3.98
CA GLU D 84 19.28 2.06 -4.66
C GLU D 84 19.73 3.34 -3.97
N ALA D 85 20.99 3.71 -4.17
CA ALA D 85 21.55 4.91 -3.56
C ALA D 85 20.73 6.16 -3.87
N GLU D 86 20.18 6.23 -5.08
CA GLU D 86 19.38 7.38 -5.47
C GLU D 86 18.05 7.46 -4.74
N ASP D 87 17.73 6.41 -3.97
CA ASP D 87 16.47 6.37 -3.24
C ASP D 87 16.53 6.94 -1.82
N LEU D 88 17.72 7.24 -1.33
CA LEU D 88 17.84 7.78 0.02
C LEU D 88 17.37 9.23 0.11
N GLY D 89 16.73 9.54 1.22
CA GLY D 89 16.19 10.87 1.43
C GLY D 89 15.01 10.79 2.35
N ILE D 90 14.08 11.74 2.23
CA ILE D 90 12.90 11.78 3.07
C ILE D 90 11.65 11.57 2.24
N TYR D 91 10.81 10.61 2.65
CA TYR D 91 9.58 10.36 1.92
C TYR D 91 8.39 10.94 2.65
N TYR D 92 7.57 11.70 1.93
CA TYR D 92 6.38 12.31 2.51
C TYR D 92 5.11 11.79 1.85
N CYS D 93 4.08 11.61 2.66
CA CYS D 93 2.77 11.25 2.11
C CYS D 93 1.96 12.52 2.34
N VAL D 94 1.05 12.81 1.42
CA VAL D 94 0.23 14.00 1.52
C VAL D 94 -1.19 13.67 1.09
N GLN D 95 -2.16 14.15 1.86
CA GLN D 95 -3.55 13.89 1.55
C GLN D 95 -4.20 15.15 0.98
N GLY D 96 -5.07 14.95 -0.03
CA GLY D 96 -5.78 16.05 -0.67
C GLY D 96 -7.30 15.86 -0.67
N SER D 97 -7.78 15.03 0.24
CA SER D 97 -9.20 14.75 0.39
C SER D 97 -9.86 15.66 1.43
N HIS D 98 -9.08 16.11 2.41
CA HIS D 98 -9.59 16.99 3.44
C HIS D 98 -8.86 18.33 3.34
N PHE D 99 -9.61 19.41 3.19
CA PHE D 99 -9.02 20.73 3.08
C PHE D 99 -8.68 21.29 4.45
N PRO D 100 -7.46 21.82 4.61
CA PRO D 100 -6.43 21.91 3.59
C PRO D 100 -5.56 20.66 3.55
N PRO D 101 -4.94 20.39 2.39
CA PRO D 101 -4.09 19.20 2.30
C PRO D 101 -2.96 19.27 3.32
N THR D 102 -2.64 18.13 3.92
CA THR D 102 -1.59 18.06 4.93
C THR D 102 -0.61 16.94 4.61
N PHE D 103 0.63 17.11 5.06
CA PHE D 103 1.69 16.15 4.83
C PHE D 103 2.02 15.36 6.10
N GLY D 104 2.57 14.17 5.93
CA GLY D 104 3.00 13.38 7.06
C GLY D 104 4.32 14.02 7.46
N ALA D 105 4.88 13.65 8.62
CA ALA D 105 6.14 14.26 9.07
C ALA D 105 7.37 13.85 8.28
N GLY D 106 7.22 12.83 7.43
CA GLY D 106 8.34 12.38 6.62
C GLY D 106 9.04 11.15 7.17
N THR D 107 9.59 10.34 6.28
CA THR D 107 10.31 9.14 6.68
C THR D 107 11.68 9.19 6.05
N LYS D 108 12.71 9.23 6.88
CA LYS D 108 14.07 9.29 6.39
C LYS D 108 14.62 7.90 6.09
N LEU D 109 15.14 7.72 4.89
CA LEU D 109 15.73 6.45 4.51
C LEU D 109 17.21 6.57 4.81
N GLU D 110 17.68 5.81 5.81
CA GLU D 110 19.07 5.80 6.23
C GLU D 110 19.68 4.43 5.98
N LEU D 111 21.01 4.39 5.89
CA LEU D 111 21.70 3.14 5.68
C LEU D 111 21.89 2.39 6.99
N LYS D 112 21.60 1.09 6.97
CA LYS D 112 21.75 0.23 8.15
C LYS D 112 23.22 -0.08 8.43
N ARG D 113 23.56 -0.26 9.72
CA ARG D 113 24.91 -0.61 10.14
C ARG D 113 24.86 -1.10 11.58
N ALA D 114 25.97 -1.65 12.06
CA ALA D 114 26.02 -2.18 13.43
C ALA D 114 26.04 -1.05 14.46
N ASP D 115 25.47 -1.30 15.64
CA ASP D 115 25.43 -0.32 16.70
C ASP D 115 26.82 0.19 17.06
N ALA D 116 26.90 1.46 17.41
CA ALA D 116 28.18 2.07 17.79
C ALA D 116 27.89 3.09 18.88
N ALA D 117 28.62 2.99 19.98
CA ALA D 117 28.46 3.90 21.10
C ALA D 117 29.09 5.26 20.74
N PRO D 118 28.47 6.35 21.18
CA PRO D 118 29.01 7.68 20.89
C PRO D 118 30.23 8.02 21.73
N THR D 119 31.15 8.79 21.14
CA THR D 119 32.33 9.22 21.88
C THR D 119 31.94 10.61 22.35
N VAL D 120 31.90 10.79 23.67
CA VAL D 120 31.50 12.07 24.22
C VAL D 120 32.65 12.90 24.77
N SER D 121 32.60 14.20 24.46
CA SER D 121 33.62 15.13 24.90
C SER D 121 32.93 16.40 25.37
N ILE D 122 33.41 16.97 26.46
CA ILE D 122 32.81 18.21 26.97
C ILE D 122 33.93 19.25 27.06
N PHE D 123 33.59 20.51 26.76
CA PHE D 123 34.57 21.58 26.79
C PHE D 123 34.08 22.84 27.48
N PRO D 124 34.86 23.37 28.42
CA PRO D 124 34.46 24.58 29.14
C PRO D 124 34.54 25.79 28.22
N PRO D 125 34.09 26.96 28.68
CA PRO D 125 34.16 28.15 27.83
C PRO D 125 35.64 28.50 27.67
N SER D 126 35.97 29.23 26.62
CA SER D 126 37.36 29.62 26.41
C SER D 126 37.55 30.96 27.13
N SER D 127 38.76 31.21 27.61
CA SER D 127 39.02 32.46 28.31
C SER D 127 38.56 33.64 27.47
N GLU D 128 38.72 33.52 26.15
CA GLU D 128 38.31 34.56 25.23
C GLU D 128 36.84 34.92 25.42
N GLN D 129 35.97 33.94 25.24
CA GLN D 129 34.54 34.16 25.37
C GLN D 129 34.17 34.74 26.73
N LEU D 130 34.82 34.25 27.77
CA LEU D 130 34.54 34.75 29.11
C LEU D 130 34.81 36.25 29.12
N THR D 131 35.87 36.67 28.45
CA THR D 131 36.24 38.08 28.38
C THR D 131 35.09 38.92 27.82
N SER D 132 34.35 38.33 26.88
CA SER D 132 33.23 39.02 26.26
C SER D 132 31.96 38.92 27.10
N GLY D 133 32.07 38.29 28.28
CA GLY D 133 30.93 38.15 29.15
C GLY D 133 30.00 37.01 28.80
N GLY D 134 30.46 36.10 27.95
CA GLY D 134 29.64 34.96 27.56
C GLY D 134 30.33 33.66 27.92
N ALA D 135 29.55 32.58 28.04
CA ALA D 135 30.13 31.29 28.38
C ALA D 135 29.35 30.14 27.76
N SER D 136 29.91 29.54 26.71
CA SER D 136 29.26 28.43 26.06
C SER D 136 29.97 27.14 26.45
N VAL D 137 29.21 26.16 26.90
CA VAL D 137 29.80 24.88 27.27
C VAL D 137 29.43 23.93 26.14
N VAL D 138 30.42 23.46 25.40
CA VAL D 138 30.16 22.58 24.26
C VAL D 138 30.38 21.09 24.53
N CYS D 139 29.53 20.26 23.93
CA CYS D 139 29.60 18.80 24.08
C CYS D 139 29.42 18.12 22.72
N PHE D 140 30.39 17.32 22.31
CA PHE D 140 30.29 16.60 21.05
C PHE D 140 29.99 15.14 21.35
N LEU D 141 29.05 14.56 20.61
CA LEU D 141 28.74 13.14 20.79
C LEU D 141 28.90 12.63 19.36
N ASN D 142 30.05 12.01 19.09
CA ASN D 142 30.40 11.55 17.74
C ASN D 142 30.37 10.10 17.34
N ASN D 143 30.14 9.91 16.05
CA ASN D 143 30.12 8.60 15.41
C ASN D 143 29.34 7.50 16.14
N PHE D 144 28.04 7.71 16.30
CA PHE D 144 27.21 6.72 16.98
C PHE D 144 26.11 6.19 16.08
N TYR D 145 25.52 5.09 16.51
CA TYR D 145 24.47 4.45 15.76
C TYR D 145 23.74 3.48 16.68
N PRO D 146 22.39 3.48 16.65
CA PRO D 146 21.51 4.30 15.82
C PRO D 146 21.45 5.77 16.23
N LYS D 147 20.78 6.59 15.42
CA LYS D 147 20.70 8.02 15.69
C LYS D 147 19.94 8.40 16.95
N ASP D 148 19.06 7.51 17.39
CA ASP D 148 18.25 7.75 18.58
C ASP D 148 19.14 7.90 19.80
N ILE D 149 19.23 9.13 20.31
CA ILE D 149 20.06 9.39 21.46
C ILE D 149 19.34 10.40 22.33
N ASN D 150 19.61 10.33 23.63
CA ASN D 150 19.00 11.22 24.62
C ASN D 150 20.11 11.92 25.40
N VAL D 151 20.26 13.22 25.16
CA VAL D 151 21.29 14.01 25.82
C VAL D 151 20.69 14.98 26.82
N LYS D 152 21.31 15.07 27.99
CA LYS D 152 20.84 15.96 29.05
C LYS D 152 22.02 16.72 29.63
N TRP D 153 21.83 17.99 29.93
CA TRP D 153 22.87 18.79 30.55
C TRP D 153 22.55 18.76 32.05
N LYS D 154 23.56 18.54 32.87
CA LYS D 154 23.35 18.49 34.30
C LYS D 154 24.33 19.39 35.04
N ILE D 155 23.84 20.56 35.44
CA ILE D 155 24.66 21.51 36.17
C ILE D 155 24.64 21.09 37.64
N ASP D 156 25.78 20.61 38.13
CA ASP D 156 25.89 20.14 39.50
C ASP D 156 24.82 19.10 39.81
N GLY D 157 24.73 18.09 38.94
CA GLY D 157 23.77 17.02 39.14
C GLY D 157 22.30 17.33 38.89
N SER D 158 22.00 18.57 38.54
CA SER D 158 20.61 18.96 38.30
C SER D 158 20.36 19.10 36.81
N GLU D 159 19.46 18.29 36.27
CA GLU D 159 19.14 18.38 34.84
C GLU D 159 18.48 19.72 34.62
N ARG D 160 19.04 20.52 33.72
CA ARG D 160 18.48 21.82 33.41
C ARG D 160 18.89 22.19 32.00
N GLN D 161 18.07 22.98 31.33
CA GLN D 161 18.38 23.39 29.97
C GLN D 161 17.94 24.80 29.67
N ASN D 162 18.86 25.74 29.80
CA ASN D 162 18.53 27.13 29.50
C ASN D 162 18.95 27.41 28.06
N GLY D 163 20.04 28.13 27.89
CA GLY D 163 20.51 28.44 26.55
C GLY D 163 21.11 27.22 25.86
N VAL D 164 20.30 26.18 25.70
CA VAL D 164 20.76 24.95 25.06
C VAL D 164 20.35 24.85 23.60
N LEU D 165 21.33 24.58 22.73
CA LEU D 165 21.10 24.44 21.30
C LEU D 165 21.84 23.20 20.80
N ASN D 166 21.13 22.34 20.07
CA ASN D 166 21.71 21.12 19.54
C ASN D 166 21.76 21.17 18.03
N SER D 167 22.65 20.38 17.43
CA SER D 167 22.80 20.30 15.99
C SER D 167 23.26 18.89 15.61
N TRP D 168 22.72 18.36 14.52
CA TRP D 168 23.05 17.01 14.06
C TRP D 168 23.62 16.96 12.64
N THR D 169 24.66 16.16 12.45
CA THR D 169 25.22 16.02 11.12
C THR D 169 24.36 14.98 10.40
N ASP D 170 24.48 14.91 9.08
CA ASP D 170 23.72 13.94 8.31
C ASP D 170 24.47 12.61 8.46
N GLN D 171 23.79 11.49 8.33
CA GLN D 171 24.47 10.21 8.46
C GLN D 171 25.75 10.25 7.64
N ASP D 172 26.87 9.91 8.27
CA ASP D 172 28.15 9.94 7.60
C ASP D 172 28.22 9.00 6.38
N SER D 173 28.63 9.57 5.25
CA SER D 173 28.72 8.80 4.02
C SER D 173 29.75 7.68 4.05
N LYS D 174 30.80 7.85 4.85
CA LYS D 174 31.85 6.84 4.91
C LYS D 174 31.54 5.69 5.87
N ASP D 175 31.16 6.01 7.10
CA ASP D 175 30.89 4.95 8.07
C ASP D 175 29.44 4.85 8.55
N SER D 176 28.56 5.60 7.92
CA SER D 176 27.13 5.56 8.26
C SER D 176 26.78 5.84 9.73
N THR D 177 27.65 6.55 10.44
CA THR D 177 27.36 6.87 11.83
C THR D 177 26.73 8.26 11.91
N TYR D 178 26.32 8.65 13.11
CA TYR D 178 25.75 9.97 13.34
C TYR D 178 26.57 10.68 14.40
N SER D 179 26.56 12.00 14.34
CA SER D 179 27.30 12.78 15.31
C SER D 179 26.39 13.92 15.74
N MET D 180 26.61 14.42 16.94
CA MET D 180 25.78 15.49 17.46
C MET D 180 26.58 16.49 18.28
N SER D 181 26.11 17.73 18.30
CA SER D 181 26.75 18.79 19.05
C SER D 181 25.67 19.41 19.92
N SER D 182 26.00 19.66 21.17
CA SER D 182 25.06 20.27 22.10
C SER D 182 25.83 21.38 22.80
N THR D 183 25.41 22.63 22.57
CA THR D 183 26.07 23.79 23.14
C THR D 183 25.19 24.52 24.17
N LEU D 184 25.70 24.66 25.38
CA LEU D 184 24.99 25.34 26.45
C LEU D 184 25.57 26.74 26.58
N THR D 185 24.79 27.76 26.23
CA THR D 185 25.26 29.12 26.31
C THR D 185 24.63 29.87 27.48
N LEU D 186 25.48 30.36 28.37
CA LEU D 186 25.03 31.11 29.53
C LEU D 186 25.86 32.39 29.60
N THR D 187 25.44 33.33 30.44
CA THR D 187 26.20 34.55 30.60
C THR D 187 27.33 34.21 31.57
N LYS D 188 28.49 34.86 31.39
CA LYS D 188 29.63 34.62 32.26
C LYS D 188 29.25 34.51 33.73
N ASP D 189 28.36 35.40 34.18
CA ASP D 189 27.92 35.38 35.57
C ASP D 189 27.24 34.07 35.93
N GLU D 190 26.27 33.66 35.10
CA GLU D 190 25.55 32.40 35.34
C GLU D 190 26.57 31.27 35.48
N TYR D 191 27.41 31.12 34.47
CA TYR D 191 28.45 30.10 34.47
C TYR D 191 29.17 30.05 35.81
N GLU D 192 29.50 31.22 36.33
CA GLU D 192 30.21 31.35 37.61
C GLU D 192 29.41 30.78 38.79
N ARG D 193 28.12 31.07 38.85
CA ARG D 193 27.27 30.60 39.92
C ARG D 193 27.00 29.09 39.91
N HIS D 194 27.92 28.33 39.30
CA HIS D 194 27.81 26.88 39.23
C HIS D 194 29.20 26.29 39.31
N ASN D 195 29.29 24.99 39.62
CA ASN D 195 30.58 24.32 39.74
C ASN D 195 30.82 23.24 38.70
N SER D 196 29.99 22.21 38.75
CA SER D 196 30.13 21.07 37.86
C SER D 196 29.20 21.16 36.65
N TYR D 197 29.74 20.89 35.47
CA TYR D 197 28.97 20.89 34.24
C TYR D 197 29.10 19.51 33.64
N THR D 198 27.96 18.92 33.31
CA THR D 198 27.93 17.56 32.79
C THR D 198 27.10 17.38 31.52
N CYS D 199 27.62 16.57 30.61
CA CYS D 199 26.93 16.25 29.37
C CYS D 199 26.63 14.75 29.50
N GLU D 200 25.35 14.41 29.66
CA GLU D 200 24.95 13.02 29.82
C GLU D 200 24.22 12.50 28.59
N ALA D 201 24.59 11.30 28.16
CA ALA D 201 23.97 10.70 27.00
C ALA D 201 23.51 9.28 27.28
N THR D 202 22.22 9.02 27.05
CA THR D 202 21.69 7.67 27.23
C THR D 202 21.44 7.18 25.80
N HIS D 203 22.04 6.05 25.47
CA HIS D 203 21.96 5.48 24.13
C HIS D 203 21.85 3.96 24.27
N LYS D 204 21.16 3.32 23.33
CA LYS D 204 20.94 1.89 23.39
C LYS D 204 22.17 0.98 23.49
N THR D 205 23.38 1.51 23.33
CA THR D 205 24.56 0.66 23.42
C THR D 205 25.06 0.50 24.86
N SER D 206 24.36 1.12 25.80
CA SER D 206 24.77 1.02 27.19
C SER D 206 23.58 1.17 28.13
N THR D 207 23.52 0.30 29.14
CA THR D 207 22.43 0.35 30.11
C THR D 207 22.73 1.41 31.15
N SER D 208 23.92 2.00 31.04
CA SER D 208 24.33 3.06 31.94
C SER D 208 24.62 4.27 31.08
N PRO D 209 24.39 5.47 31.63
CA PRO D 209 24.64 6.70 30.87
C PRO D 209 26.11 6.98 30.63
N ILE D 210 26.41 7.58 29.48
CA ILE D 210 27.77 7.97 29.20
C ILE D 210 27.81 9.37 29.80
N VAL D 211 28.70 9.57 30.76
CA VAL D 211 28.80 10.85 31.45
C VAL D 211 30.18 11.49 31.32
N LYS D 212 30.19 12.75 30.89
CA LYS D 212 31.44 13.51 30.75
C LYS D 212 31.24 14.84 31.49
N SER D 213 32.11 15.15 32.44
CA SER D 213 31.97 16.40 33.19
C SER D 213 33.29 17.15 33.28
N PHE D 214 33.24 18.30 33.92
CA PHE D 214 34.42 19.12 34.13
C PHE D 214 34.02 20.10 35.20
N ASN D 215 34.89 20.30 36.18
CA ASN D 215 34.61 21.22 37.27
C ASN D 215 35.48 22.46 37.12
N ARG D 216 34.86 23.62 36.94
CA ARG D 216 35.61 24.85 36.78
C ARG D 216 36.15 25.39 38.09
N ASN D 217 36.79 24.52 38.85
CA ASN D 217 37.38 24.89 40.13
C ASN D 217 38.77 24.26 40.22
N GLU D 218 39.11 23.50 39.19
CA GLU D 218 40.42 22.84 39.15
C GLU D 218 40.58 22.08 37.84
C1 FNZ E . -39.22 -18.43 -22.76
C2 FNZ E . -38.01 -19.37 -22.67
C3 FNZ E . -37.44 -19.39 -21.24
C4 FNZ E . -36.14 -20.16 -21.20
C5 FNZ E . -34.93 -19.51 -21.42
C6 FNZ E . -33.70 -20.22 -21.43
C7 FNZ E . -33.72 -21.58 -21.19
C8 FNZ E . -34.92 -22.26 -20.95
C9 FNZ E . -36.12 -21.54 -20.96
C10 FNZ E . -40.35 -18.77 -21.79
C11 FNZ E . -40.84 -20.08 -21.65
C12 FNZ E . -41.86 -20.40 -20.71
C13 FNZ E . -42.37 -19.36 -19.90
C14 FNZ E . -41.92 -18.04 -20.05
C15 FNZ E . -40.91 -17.77 -21.00
C16 FNZ E . -43.37 -19.64 -18.91
C17 FNZ E . -39.55 -18.15 -26.23
C18 FNZ E . -40.87 -18.70 -24.75
O2 FNZ E . -38.39 -20.70 -23.05
F7 FNZ E . -32.55 -22.29 -21.19
N1 FNZ E . -44.16 -19.87 -18.11
N2 FNZ E . -39.66 -18.41 -24.17
N3 FNZ E . -38.80 -18.05 -25.15
N4 FNZ E . -40.80 -18.52 -26.03
C1 FNZ F . -4.23 21.27 -4.81
C2 FNZ F . -2.95 20.42 -4.64
C3 FNZ F . -2.35 20.59 -3.26
C4 FNZ F . -1.03 19.87 -3.14
C5 FNZ F . 0.18 20.56 -3.30
C6 FNZ F . 1.41 19.91 -3.17
C7 FNZ F . 1.42 18.55 -2.86
C8 FNZ F . 0.24 17.83 -2.70
C9 FNZ F . -0.98 18.50 -2.85
C10 FNZ F . -5.34 20.88 -3.83
C11 FNZ F . -5.85 19.56 -3.78
C12 FNZ F . -6.83 19.18 -2.84
C13 FNZ F . -7.31 20.15 -1.93
C14 FNZ F . -6.86 21.49 -1.98
C15 FNZ F . -5.87 21.83 -2.94
C16 FNZ F . -8.28 19.76 -0.94
C17 FNZ F . -4.43 21.27 -8.29
C18 FNZ F . -5.82 20.90 -6.81
O2 FNZ F . -3.26 19.04 -4.87
F7 FNZ F . 2.61 17.90 -2.72
N1 FNZ F . -9.04 19.46 -0.15
N2 FNZ F . -4.64 21.18 -6.24
N3 FNZ F . -3.71 21.41 -7.21
N4 FNZ F . -5.67 20.84 -8.11
#